data_6ZE2
#
_entry.id   6ZE2
#
_cell.length_a   46.654
_cell.length_b   116.774
_cell.length_c   109.903
_cell.angle_alpha   90.000
_cell.angle_beta   90.797
_cell.angle_gamma   90.000
#
_symmetry.space_group_name_H-M   'P 1 21 1'
#
loop_
_entity.id
_entity.type
_entity.pdbx_description
1 polymer 'FAD-dependent oxidoreductase'
2 branched 2-acetamido-2-deoxy-beta-D-glucopyranose-(1-4)-2-acetamido-2-deoxy-beta-D-glucopyranose
3 non-polymer 'DIHYDROFLAVINE-ADENINE DINUCLEOTIDE'
4 non-polymer 2-acetamido-2-deoxy-beta-D-glucopyranose
5 non-polymer 'FORMIC ACID'
6 non-polymer 'MAGNESIUM ION'
7 water water
#
_entity_poly.entity_id   1
_entity_poly.type   'polypeptide(L)'
_entity_poly.pdbx_seq_one_letter_code
;NVHSNYTFIIAGGGISGLTLADRLTEDPRVTVLVIEAGPLDRGEDGILVPGAFSPWLYFWPGLVSTPQAGLNNRTVDVIT
AQVVGGGSTINAMVYLRGDKDDYDSWGALGNPGWSWNSMLPYFIKSETFTPPSPELAAAGNITWDGSIRGRSGPVNYSYP
NYFFPGSENWWNAANEVGLPPVKDPMAGSKQGVFWIPSAIDARTMTRSHARRNHYDRVSSRPNYHILPSHLVSKILFRGK
QAIGVSYIPTSGGNTTTNVYASKEITLAAGGLGTPKILQLSGIGPRKLLNELGIPVISDLPGVGQNLQDQPTLTIPYTFT
NNVFPNTDSLTTNATYNAEQRALYDSSKQGAYTIVNSLSTNIGVMSLQRAAPKSYRQIIAAARARSASLSLPPGTDPAVI
RGYQAQRNAILKQFENPNVGVGTVHWGTGSSALVYHLKPLSRGTVNIRSTNPLDAPEIDYRTGTDPIDAQVYTSLFRKNR
EIFNAPSMRVLGPSEAAPFGANLTTDEEIYAVMRELINPSNAHQCCTAAMMPKDMGGVVSSEQKVYGVQGLRVADISFWP
FQLSGSPMATAYAGAERLADVIKKEHRLAGAPKSL
;
_entity_poly.pdbx_strand_id   A,B
#
loop_
_chem_comp.id
_chem_comp.type
_chem_comp.name
_chem_comp.formula
FDA non-polymer 'DIHYDROFLAVINE-ADENINE DINUCLEOTIDE' 'C27 H35 N9 O15 P2'
FMT non-polymer 'FORMIC ACID' 'C H2 O2'
MG non-polymer 'MAGNESIUM ION' 'Mg 2'
NAG D-saccharide, beta linking 2-acetamido-2-deoxy-beta-D-glucopyranose 'C8 H15 N O6'
#
# COMPACT_ATOMS: atom_id res chain seq x y z
N ASN A 5 -32.75 -20.56 29.53
CA ASN A 5 -31.32 -20.56 29.93
C ASN A 5 -30.44 -20.38 28.69
N TYR A 6 -29.21 -20.01 28.89
CA TYR A 6 -28.13 -19.95 27.89
C TYR A 6 -27.18 -21.11 28.14
N THR A 7 -26.37 -21.50 27.16
CA THR A 7 -25.32 -22.48 27.41
C THR A 7 -24.26 -21.86 28.32
N PHE A 8 -23.81 -20.66 27.96
CA PHE A 8 -22.74 -19.91 28.68
C PHE A 8 -23.20 -18.49 28.93
N ILE A 9 -22.80 -17.92 30.06
CA ILE A 9 -22.96 -16.48 30.35
C ILE A 9 -21.56 -15.93 30.57
N ILE A 10 -21.27 -14.86 29.89
CA ILE A 10 -19.98 -14.15 29.98
C ILE A 10 -20.19 -12.79 30.60
N ALA A 11 -19.49 -12.51 31.70
CA ALA A 11 -19.54 -11.21 32.41
C ALA A 11 -18.43 -10.30 31.89
N GLY A 12 -18.80 -9.36 31.06
CA GLY A 12 -17.89 -8.43 30.40
C GLY A 12 -17.74 -8.71 28.91
N GLY A 13 -18.01 -7.70 28.13
CA GLY A 13 -17.90 -7.77 26.67
C GLY A 13 -16.73 -6.95 26.17
N GLY A 14 -15.54 -7.20 26.74
CA GLY A 14 -14.29 -6.60 26.29
C GLY A 14 -13.58 -7.53 25.32
N ILE A 15 -12.26 -7.38 25.22
CA ILE A 15 -11.48 -8.19 24.27
C ILE A 15 -11.72 -9.65 24.57
N SER A 16 -11.47 -10.05 25.81
CA SER A 16 -11.54 -11.49 26.12
C SER A 16 -12.96 -12.04 25.94
N GLY A 17 -13.91 -11.30 26.50
CA GLY A 17 -15.32 -11.79 26.48
C GLY A 17 -15.89 -11.91 25.07
N LEU A 18 -15.63 -10.95 24.20
CA LEU A 18 -16.21 -11.05 22.83
C LEU A 18 -15.48 -12.09 21.99
N THR A 19 -14.16 -12.22 22.18
CA THR A 19 -13.39 -13.25 21.46
C THR A 19 -13.99 -14.62 21.81
N LEU A 20 -14.14 -14.88 23.11
CA LEU A 20 -14.69 -16.17 23.56
C LEU A 20 -16.12 -16.36 23.05
N ALA A 21 -16.96 -15.34 23.15
CA ALA A 21 -18.39 -15.50 22.72
C ALA A 21 -18.46 -15.84 21.24
N ASP A 22 -17.66 -15.16 20.44
CA ASP A 22 -17.57 -15.43 18.99
C ASP A 22 -17.24 -16.90 18.77
N ARG A 23 -16.15 -17.38 19.34
CA ARG A 23 -15.72 -18.75 19.06
C ARG A 23 -16.76 -19.75 19.58
N LEU A 24 -17.32 -19.55 20.75
CA LEU A 24 -18.28 -20.53 21.27
C LEU A 24 -19.51 -20.59 20.37
N THR A 25 -19.98 -19.47 19.84
CA THR A 25 -21.21 -19.46 19.00
C THR A 25 -20.97 -19.92 17.57
N GLU A 26 -19.78 -20.37 17.24
CA GLU A 26 -19.54 -21.10 15.97
C GLU A 26 -20.37 -22.38 15.91
N ASP A 27 -20.67 -22.96 17.07
CA ASP A 27 -21.58 -24.11 17.16
C ASP A 27 -22.99 -23.55 17.32
N PRO A 28 -23.91 -23.76 16.34
CA PRO A 28 -25.25 -23.19 16.46
C PRO A 28 -26.09 -23.76 17.62
N ARG A 29 -25.63 -24.87 18.19
CA ARG A 29 -26.30 -25.47 19.37
C ARG A 29 -25.87 -24.79 20.65
N VAL A 30 -24.90 -23.89 20.60
CA VAL A 30 -24.41 -23.23 21.81
C VAL A 30 -24.90 -21.78 21.83
N THR A 31 -25.59 -21.41 22.89
CA THR A 31 -26.06 -20.03 23.02
C THR A 31 -25.25 -19.35 24.13
N VAL A 32 -24.91 -18.10 23.88
CA VAL A 32 -24.07 -17.29 24.79
C VAL A 32 -24.78 -15.96 25.05
N LEU A 33 -24.78 -15.54 26.30
CA LEU A 33 -25.17 -14.20 26.69
C LEU A 33 -23.93 -13.48 27.22
N VAL A 34 -23.59 -12.39 26.57
CA VAL A 34 -22.52 -11.49 27.06
C VAL A 34 -23.21 -10.32 27.73
N ILE A 35 -22.94 -10.09 29.01
CA ILE A 35 -23.47 -8.93 29.78
C ILE A 35 -22.34 -7.90 29.91
N GLU A 36 -22.50 -6.72 29.34
CA GLU A 36 -21.45 -5.71 29.30
C GLU A 36 -21.90 -4.45 29.99
N ALA A 37 -21.05 -3.90 30.84
CA ALA A 37 -21.35 -2.71 31.64
C ALA A 37 -21.61 -1.48 30.78
N GLY A 38 -20.84 -1.29 29.73
CA GLY A 38 -20.99 -0.11 28.88
C GLY A 38 -21.92 -0.32 27.71
N PRO A 39 -22.10 0.79 26.94
CA PRO A 39 -22.94 0.74 25.75
C PRO A 39 -22.17 0.26 24.52
N LEU A 40 -22.88 0.07 23.41
CA LEU A 40 -22.26 0.01 22.08
C LEU A 40 -21.73 1.40 21.72
N ASP A 41 -20.51 1.47 21.21
CA ASP A 41 -20.02 2.72 20.61
C ASP A 41 -20.85 3.06 19.35
N ARG A 42 -20.82 4.31 18.97
CA ARG A 42 -21.67 4.86 17.90
C ARG A 42 -20.89 5.00 16.61
N GLY A 43 -19.69 4.41 16.50
CA GLY A 43 -18.89 4.53 15.28
C GLY A 43 -18.37 5.94 15.10
N GLU A 44 -18.22 6.67 16.19
CA GLU A 44 -17.79 8.07 16.07
C GLU A 44 -16.32 8.15 15.64
N ASP A 45 -15.96 9.26 15.05
CA ASP A 45 -14.59 9.47 14.55
C ASP A 45 -13.56 9.23 15.65
N GLY A 46 -13.83 9.66 16.86
CA GLY A 46 -12.88 9.48 17.96
C GLY A 46 -12.55 8.04 18.25
N ILE A 47 -13.41 7.12 17.85
CA ILE A 47 -13.18 5.67 17.95
C ILE A 47 -12.59 5.15 16.65
N LEU A 48 -13.19 5.46 15.50
CA LEU A 48 -12.78 4.75 14.28
C LEU A 48 -11.51 5.32 13.64
N VAL A 49 -11.28 6.62 13.68
CA VAL A 49 -10.22 7.25 12.89
C VAL A 49 -9.00 7.42 13.80
N PRO A 50 -7.85 6.86 13.45
CA PRO A 50 -6.69 6.93 14.34
C PRO A 50 -6.31 8.38 14.72
N GLY A 51 -6.26 9.28 13.75
CA GLY A 51 -5.87 10.67 14.03
C GLY A 51 -6.87 11.44 14.87
N ALA A 52 -8.09 10.97 15.03
CA ALA A 52 -9.15 11.63 15.84
C ALA A 52 -9.21 11.03 17.25
N PHE A 53 -8.32 10.11 17.59
CA PHE A 53 -8.30 9.36 18.85
C PHE A 53 -8.80 10.14 20.07
N SER A 54 -9.94 9.67 20.64
CA SER A 54 -10.60 10.32 21.77
C SER A 54 -10.94 9.23 22.79
N PRO A 55 -9.97 8.62 23.53
CA PRO A 55 -10.23 7.42 24.38
C PRO A 55 -11.23 7.72 25.52
N TRP A 56 -11.35 9.02 25.94
CA TRP A 56 -12.11 9.43 27.16
C TRP A 56 -13.62 9.24 26.99
N LEU A 57 -14.09 9.04 25.73
CA LEU A 57 -15.50 8.79 25.40
C LEU A 57 -16.06 7.62 26.22
N TYR A 58 -15.26 6.68 26.67
CA TYR A 58 -15.88 5.43 27.25
C TYR A 58 -15.04 4.97 28.43
N PHE A 59 -14.43 5.90 29.17
CA PHE A 59 -13.72 5.54 30.41
C PHE A 59 -14.76 5.21 31.49
N TRP A 60 -14.46 4.23 32.31
CA TRP A 60 -15.25 3.86 33.51
C TRP A 60 -15.23 5.03 34.48
N PRO A 61 -16.40 5.55 34.87
CA PRO A 61 -16.40 6.77 35.70
C PRO A 61 -16.14 6.49 37.20
N GLY A 62 -15.59 7.46 37.90
CA GLY A 62 -15.61 7.45 39.38
C GLY A 62 -14.59 6.52 40.01
N LEU A 63 -13.53 6.19 39.27
CA LEU A 63 -12.44 5.37 39.83
C LEU A 63 -11.24 6.25 40.12
N VAL A 64 -10.80 6.22 41.38
CA VAL A 64 -9.60 6.95 41.87
CA VAL A 64 -9.57 6.94 41.82
C VAL A 64 -8.77 5.96 42.67
N SER A 65 -7.47 6.12 42.65
CA SER A 65 -6.59 5.25 43.46
C SER A 65 -6.60 5.72 44.91
N THR A 66 -6.08 4.86 45.78
CA THR A 66 -5.65 5.29 47.12
C THR A 66 -4.43 6.20 46.93
N PRO A 67 -4.04 6.94 47.98
CA PRO A 67 -2.75 7.61 47.93
C PRO A 67 -1.61 6.62 47.70
N GLN A 68 -0.71 6.97 46.79
CA GLN A 68 0.33 6.00 46.34
C GLN A 68 1.60 6.22 47.15
N ALA A 69 1.88 5.33 48.09
CA ALA A 69 2.97 5.49 49.08
C ALA A 69 4.31 5.63 48.36
N GLY A 70 4.48 5.02 47.19
CA GLY A 70 5.76 5.09 46.45
C GLY A 70 5.86 6.26 45.51
N LEU A 71 4.81 7.08 45.43
CA LEU A 71 4.74 8.23 44.51
C LEU A 71 4.28 9.45 45.31
N ASN A 72 4.95 9.69 46.44
CA ASN A 72 4.69 10.91 47.24
C ASN A 72 3.22 11.05 47.63
N ASN A 73 2.57 9.92 47.86
CA ASN A 73 1.17 9.85 48.32
C ASN A 73 0.22 10.51 47.33
N ARG A 74 0.57 10.59 46.07
CA ARG A 74 -0.36 11.10 45.04
C ARG A 74 -1.53 10.13 44.85
N THR A 75 -2.70 10.68 44.61
CA THR A 75 -3.85 9.89 44.12
CA THR A 75 -3.93 10.00 44.16
C THR A 75 -4.04 10.18 42.66
N VAL A 76 -4.39 9.13 41.93
CA VAL A 76 -4.55 9.27 40.46
C VAL A 76 -5.93 8.79 40.04
N ASP A 77 -6.43 9.37 38.96
CA ASP A 77 -7.63 8.86 38.29
C ASP A 77 -7.26 7.53 37.66
N VAL A 78 -8.12 6.57 37.84
CA VAL A 78 -7.94 5.21 37.31
C VAL A 78 -8.66 5.10 35.96
N ILE A 79 -7.95 4.62 34.96
CA ILE A 79 -8.42 4.54 33.56
C ILE A 79 -8.67 3.08 33.22
N THR A 80 -9.90 2.76 32.80
CA THR A 80 -10.22 1.45 32.25
C THR A 80 -11.47 1.62 31.40
N ALA A 81 -11.70 0.73 30.46
CA ALA A 81 -12.83 0.86 29.52
C ALA A 81 -14.16 0.49 30.16
N GLN A 82 -15.23 1.14 29.68
CA GLN A 82 -16.64 0.74 29.98
C GLN A 82 -17.40 0.85 28.67
N VAL A 83 -17.32 -0.17 27.83
CA VAL A 83 -17.88 -0.11 26.46
C VAL A 83 -17.81 -1.49 25.86
N VAL A 84 -18.74 -1.85 25.00
CA VAL A 84 -18.63 -3.07 24.20
C VAL A 84 -17.29 -2.98 23.46
N GLY A 85 -16.49 -4.04 23.56
CA GLY A 85 -15.14 -4.09 22.96
C GLY A 85 -14.06 -3.75 24.01
N GLY A 86 -14.45 -3.26 25.17
CA GLY A 86 -13.53 -3.03 26.29
C GLY A 86 -12.38 -2.15 25.86
N GLY A 87 -11.18 -2.49 26.31
CA GLY A 87 -10.01 -1.64 26.03
C GLY A 87 -9.72 -1.51 24.54
N SER A 88 -10.09 -2.51 23.73
CA SER A 88 -9.81 -2.38 22.28
C SER A 88 -10.55 -1.21 21.64
N THR A 89 -11.67 -0.82 22.22
CA THR A 89 -12.50 0.24 21.64
C THR A 89 -11.81 1.59 21.80
N ILE A 90 -11.06 1.74 22.90
CA ILE A 90 -10.52 3.07 23.27
C ILE A 90 -9.00 3.08 23.45
N ASN A 91 -8.30 2.03 23.12
CA ASN A 91 -6.85 2.00 23.38
C ASN A 91 -6.10 2.62 22.20
N ALA A 92 -4.80 2.72 22.31
CA ALA A 92 -3.97 3.35 21.29
C ALA A 92 -3.60 2.40 20.15
N MET A 93 -4.27 1.24 20.09
CA MET A 93 -4.19 0.30 18.93
CA MET A 93 -4.21 0.26 18.95
C MET A 93 -2.82 -0.40 18.82
N VAL A 94 -1.98 -0.28 19.82
CA VAL A 94 -0.64 -0.91 19.77
C VAL A 94 -0.79 -2.41 19.96
N TYR A 95 -0.35 -3.14 18.95
CA TYR A 95 -0.59 -4.58 18.87
C TYR A 95 0.72 -5.34 18.85
N LEU A 96 1.13 -5.86 19.99
CA LEU A 96 2.48 -6.45 20.20
C LEU A 96 2.30 -7.67 21.11
N ARG A 97 2.94 -8.76 20.72
CA ARG A 97 3.09 -9.94 21.57
C ARG A 97 4.16 -9.75 22.62
N GLY A 98 4.11 -10.56 23.68
CA GLY A 98 5.22 -10.60 24.63
C GLY A 98 6.40 -11.36 24.07
N ASP A 99 7.39 -11.58 24.93
CA ASP A 99 8.59 -12.32 24.53
C ASP A 99 8.37 -13.80 24.87
N LYS A 100 9.18 -14.67 24.24
CA LYS A 100 8.98 -16.13 24.46
C LYS A 100 8.95 -16.47 25.93
N ASP A 101 9.92 -15.92 26.68
CA ASP A 101 10.04 -16.34 28.07
C ASP A 101 8.89 -15.86 28.94
N ASP A 102 8.11 -14.87 28.50
CA ASP A 102 6.92 -14.52 29.29
C ASP A 102 6.03 -15.76 29.44
N TYR A 103 5.64 -16.36 28.32
CA TYR A 103 4.71 -17.50 28.33
C TYR A 103 5.43 -18.72 28.92
N ASP A 104 6.68 -18.93 28.58
CA ASP A 104 7.43 -20.07 29.14
C ASP A 104 7.43 -19.97 30.66
N SER A 105 7.62 -18.74 31.19
CA SER A 105 7.65 -18.49 32.65
CA SER A 105 7.66 -18.54 32.65
C SER A 105 6.28 -18.77 33.25
N TRP A 106 5.20 -18.37 32.58
CA TRP A 106 3.86 -18.69 33.10
C TRP A 106 3.70 -20.21 33.23
N GLY A 107 4.22 -20.97 32.25
CA GLY A 107 4.17 -22.43 32.37
C GLY A 107 4.99 -22.96 33.52
N ALA A 108 6.17 -22.39 33.72
CA ALA A 108 7.10 -22.88 34.75
C ALA A 108 6.59 -22.53 36.16
N LEU A 109 5.61 -21.64 36.33
CA LEU A 109 4.98 -21.34 37.65
C LEU A 109 4.02 -22.47 38.09
N GLY A 110 3.82 -23.49 37.27
CA GLY A 110 2.95 -24.63 37.56
C GLY A 110 1.70 -24.69 36.71
N ASN A 111 1.84 -24.34 35.43
CA ASN A 111 0.70 -24.24 34.49
C ASN A 111 0.97 -25.09 33.27
N PRO A 112 0.54 -26.36 33.31
CA PRO A 112 0.69 -27.19 32.11
C PRO A 112 0.01 -26.57 30.89
N GLY A 113 0.65 -26.74 29.73
CA GLY A 113 0.07 -26.30 28.44
C GLY A 113 0.40 -24.86 28.11
N TRP A 114 1.22 -24.20 28.92
CA TRP A 114 1.61 -22.77 28.71
C TRP A 114 3.08 -22.64 28.32
N SER A 115 3.32 -22.05 27.17
CA SER A 115 4.66 -21.80 26.64
C SER A 115 4.52 -20.89 25.41
N TRP A 116 5.63 -20.37 24.91
CA TRP A 116 5.59 -19.65 23.64
C TRP A 116 5.04 -20.59 22.56
N ASN A 117 5.57 -21.82 22.48
CA ASN A 117 5.16 -22.74 21.39
C ASN A 117 3.68 -23.07 21.49
N SER A 118 3.08 -23.16 22.68
CA SER A 118 1.64 -23.45 22.75
C SER A 118 0.83 -22.19 22.41
N MET A 119 1.36 -20.99 22.66
CA MET A 119 0.60 -19.77 22.34
C MET A 119 0.73 -19.40 20.86
N LEU A 120 1.82 -19.71 20.19
CA LEU A 120 2.04 -19.25 18.81
C LEU A 120 0.89 -19.63 17.89
N PRO A 121 0.35 -20.87 17.92
CA PRO A 121 -0.79 -21.18 17.06
C PRO A 121 -1.99 -20.28 17.26
N TYR A 122 -2.22 -19.86 18.49
CA TYR A 122 -3.33 -18.97 18.86
C TYR A 122 -3.05 -17.51 18.47
N PHE A 123 -1.81 -17.05 18.58
CA PHE A 123 -1.46 -15.74 18.00
C PHE A 123 -1.79 -15.75 16.51
N ILE A 124 -1.38 -16.81 15.80
CA ILE A 124 -1.62 -16.88 14.33
C ILE A 124 -3.12 -16.93 14.06
N LYS A 125 -3.86 -17.77 14.78
CA LYS A 125 -5.31 -17.92 14.54
C LYS A 125 -6.05 -16.63 14.78
N SER A 126 -5.55 -15.75 15.65
CA SER A 126 -6.29 -14.60 16.15
C SER A 126 -6.45 -13.52 15.10
N GLU A 127 -5.66 -13.53 14.02
CA GLU A 127 -5.37 -12.25 13.34
C GLU A 127 -5.18 -12.41 11.84
N THR A 128 -5.34 -11.30 11.16
CA THR A 128 -4.94 -11.11 9.74
C THR A 128 -4.03 -9.89 9.65
N PHE A 129 -2.77 -10.13 9.34
CA PHE A 129 -1.81 -9.05 9.09
C PHE A 129 -1.90 -8.63 7.62
N THR A 130 -2.06 -7.33 7.38
CA THR A 130 -1.98 -6.77 6.01
C THR A 130 -0.65 -6.05 5.90
N PRO A 131 0.23 -6.46 4.98
CA PRO A 131 1.51 -5.79 4.81
C PRO A 131 1.34 -4.36 4.34
N PRO A 132 2.28 -3.50 4.74
CA PRO A 132 2.34 -2.13 4.21
C PRO A 132 2.73 -2.17 2.74
N SER A 133 2.58 -1.05 2.06
CA SER A 133 3.02 -0.90 0.68
CA SER A 133 3.02 -0.91 0.67
C SER A 133 4.54 -1.06 0.61
N PRO A 134 5.05 -1.56 -0.52
CA PRO A 134 6.49 -1.78 -0.63
C PRO A 134 7.30 -0.50 -0.47
N GLU A 135 6.79 0.60 -0.97
CA GLU A 135 7.57 1.88 -0.89
CA GLU A 135 7.56 1.88 -0.90
C GLU A 135 7.68 2.34 0.56
N LEU A 136 6.58 2.15 1.32
CA LEU A 136 6.59 2.57 2.73
C LEU A 136 7.49 1.63 3.52
N ALA A 137 7.45 0.33 3.23
CA ALA A 137 8.33 -0.62 3.94
C ALA A 137 9.79 -0.24 3.71
N ALA A 138 10.16 0.08 2.47
CA ALA A 138 11.55 0.41 2.15
C ALA A 138 11.94 1.76 2.77
N ALA A 139 11.13 2.78 2.59
CA ALA A 139 11.44 4.14 3.11
C ALA A 139 11.41 4.13 4.64
N GLY A 140 10.49 3.39 5.23
CA GLY A 140 10.27 3.45 6.68
C GLY A 140 11.12 2.48 7.47
N ASN A 141 11.79 1.52 6.83
CA ASN A 141 12.48 0.40 7.53
C ASN A 141 11.45 -0.47 8.26
N ILE A 142 10.37 -0.79 7.57
CA ILE A 142 9.36 -1.72 8.10
C ILE A 142 9.74 -3.11 7.67
N THR A 143 9.89 -4.01 8.65
CA THR A 143 10.18 -5.43 8.33
C THR A 143 9.29 -6.32 9.18
N TRP A 144 9.13 -7.55 8.73
CA TRP A 144 8.32 -8.56 9.43
C TRP A 144 8.72 -9.93 8.93
N ASP A 145 8.30 -10.92 9.66
CA ASP A 145 8.47 -12.34 9.32
C ASP A 145 7.06 -12.89 9.05
N GLY A 146 6.71 -13.00 7.78
CA GLY A 146 5.34 -13.43 7.42
C GLY A 146 5.01 -14.82 7.95
N SER A 147 6.02 -15.66 8.26
CA SER A 147 5.79 -17.03 8.76
C SER A 147 5.16 -17.04 10.15
N ILE A 148 5.27 -15.95 10.91
CA ILE A 148 4.71 -15.95 12.29
C ILE A 148 3.61 -14.91 12.47
N ARG A 149 3.10 -14.35 11.39
CA ARG A 149 1.94 -13.44 11.46
C ARG A 149 0.75 -14.10 10.79
N GLY A 150 -0.41 -14.06 11.47
CA GLY A 150 -1.60 -14.73 10.91
C GLY A 150 -2.11 -14.03 9.64
N ARG A 151 -2.76 -14.79 8.78
CA ARG A 151 -3.31 -14.29 7.51
C ARG A 151 -4.82 -14.52 7.39
N SER A 152 -5.48 -15.17 8.34
CA SER A 152 -6.89 -15.59 8.12
C SER A 152 -7.79 -15.26 9.31
N GLY A 153 -7.25 -14.73 10.43
CA GLY A 153 -8.01 -14.55 11.65
C GLY A 153 -8.71 -13.18 11.71
N PRO A 154 -9.56 -13.02 12.71
CA PRO A 154 -10.49 -11.90 12.72
C PRO A 154 -9.87 -10.52 12.98
N VAL A 155 -8.85 -10.46 13.82
CA VAL A 155 -8.29 -9.14 14.19
C VAL A 155 -7.43 -8.63 13.06
N ASN A 156 -7.86 -7.52 12.45
CA ASN A 156 -7.01 -6.95 11.39
C ASN A 156 -5.92 -6.10 12.01
N TYR A 157 -4.68 -6.20 11.53
CA TYR A 157 -3.64 -5.29 11.95
C TYR A 157 -2.71 -5.03 10.78
N SER A 158 -2.06 -3.87 10.87
CA SER A 158 -1.21 -3.37 9.78
C SER A 158 -0.36 -2.26 10.37
N TYR A 159 -0.10 -1.25 9.54
CA TYR A 159 0.65 -0.05 9.95
C TYR A 159 -0.10 1.16 9.40
N PRO A 160 0.13 2.36 9.96
CA PRO A 160 -0.20 3.59 9.27
C PRO A 160 0.47 3.59 7.92
N ASN A 161 -0.02 4.42 7.01
CA ASN A 161 0.53 4.53 5.64
C ASN A 161 1.36 5.81 5.44
N TYR A 162 1.88 6.35 6.53
CA TYR A 162 2.61 7.59 6.57
C TYR A 162 3.50 7.56 7.80
N PHE A 163 4.60 8.32 7.76
CA PHE A 163 5.40 8.62 8.96
C PHE A 163 5.82 10.07 8.93
N PHE A 164 5.88 10.65 10.12
CA PHE A 164 6.42 12.01 10.27
C PHE A 164 7.91 11.96 10.07
N PRO A 165 8.52 12.99 9.44
CA PRO A 165 9.93 12.96 9.14
C PRO A 165 10.85 12.83 10.37
N GLY A 166 10.46 13.40 11.49
CA GLY A 166 11.29 13.30 12.70
C GLY A 166 11.42 11.89 13.21
N SER A 167 10.51 10.99 12.83
CA SER A 167 10.65 9.57 13.24
C SER A 167 11.95 8.97 12.66
N GLU A 168 12.44 9.48 11.55
CA GLU A 168 13.68 9.03 10.94
C GLU A 168 14.85 9.44 11.83
N ASN A 169 14.87 10.69 12.27
CA ASN A 169 15.91 11.16 13.23
C ASN A 169 15.93 10.23 14.43
N TRP A 170 14.76 9.93 14.99
CA TRP A 170 14.71 9.14 16.23
C TRP A 170 15.19 7.72 15.99
N TRP A 171 14.79 7.11 14.88
CA TRP A 171 15.24 5.76 14.52
C TRP A 171 16.79 5.70 14.44
N ASN A 172 17.35 6.66 13.76
CA ASN A 172 18.80 6.67 13.54
C ASN A 172 19.51 6.95 14.89
N ALA A 173 18.99 7.84 15.71
CA ALA A 173 19.54 8.11 17.06
C ALA A 173 19.49 6.86 17.93
N ALA A 174 18.38 6.14 17.88
CA ALA A 174 18.23 4.92 18.68
C ALA A 174 19.31 3.90 18.23
N ASN A 175 19.51 3.76 16.92
CA ASN A 175 20.51 2.82 16.38
C ASN A 175 21.90 3.29 16.86
N GLU A 176 22.13 4.59 16.95
CA GLU A 176 23.44 5.17 17.38
C GLU A 176 23.73 4.84 18.85
N VAL A 177 22.72 4.57 19.64
CA VAL A 177 22.90 4.25 21.08
C VAL A 177 22.52 2.82 21.37
N GLY A 178 22.67 1.96 20.38
CA GLY A 178 22.62 0.52 20.73
C GLY A 178 21.24 -0.11 20.75
N LEU A 179 20.27 0.50 20.03
CA LEU A 179 18.93 -0.06 19.83
C LEU A 179 18.78 -0.34 18.35
N PRO A 180 19.12 -1.58 17.90
CA PRO A 180 19.18 -1.82 16.45
C PRO A 180 17.81 -2.16 15.88
N PRO A 181 17.69 -2.20 14.55
CA PRO A 181 16.42 -2.64 13.95
C PRO A 181 16.09 -4.08 14.35
N VAL A 182 14.86 -4.33 14.73
CA VAL A 182 14.32 -5.65 15.06
C VAL A 182 13.59 -6.20 13.85
N LYS A 183 13.96 -7.38 13.38
CA LYS A 183 13.34 -8.01 12.19
CA LYS A 183 13.33 -7.93 12.16
C LYS A 183 11.81 -8.07 12.36
N ASP A 184 11.37 -8.66 13.47
CA ASP A 184 9.93 -8.75 13.73
C ASP A 184 9.67 -8.81 15.22
N PRO A 185 9.08 -7.77 15.85
CA PRO A 185 8.84 -7.81 17.28
C PRO A 185 7.76 -8.79 17.73
N MET A 186 7.10 -9.43 16.75
CA MET A 186 6.08 -10.48 17.00
C MET A 186 6.74 -11.86 17.04
N ALA A 187 8.04 -11.95 16.81
CA ALA A 187 8.72 -13.28 16.72
C ALA A 187 9.20 -13.75 18.08
N GLY A 188 8.85 -13.11 19.17
CA GLY A 188 9.24 -13.59 20.50
C GLY A 188 10.40 -12.86 21.12
N SER A 189 10.96 -11.87 20.45
CA SER A 189 12.05 -11.00 20.96
C SER A 189 11.89 -9.66 20.25
N LYS A 190 12.32 -8.60 20.92
CA LYS A 190 12.10 -7.26 20.38
C LYS A 190 13.15 -6.29 20.90
N GLN A 191 14.42 -6.71 20.82
CA GLN A 191 15.54 -5.88 21.36
C GLN A 191 16.00 -4.85 20.35
N GLY A 192 15.45 -3.64 20.49
CA GLY A 192 15.77 -2.53 19.61
C GLY A 192 14.53 -1.81 19.14
N VAL A 193 14.61 -1.29 17.93
CA VAL A 193 13.55 -0.42 17.36
C VAL A 193 12.83 -1.14 16.21
N PHE A 194 11.58 -0.75 16.04
CA PHE A 194 10.69 -1.38 15.07
C PHE A 194 9.49 -0.47 14.88
N TRP A 195 8.80 -0.66 13.77
CA TRP A 195 7.47 -0.08 13.59
C TRP A 195 6.45 -0.73 14.52
N ILE A 196 5.58 0.12 15.06
CA ILE A 196 4.48 -0.34 15.95
C ILE A 196 3.44 -1.00 15.08
N PRO A 197 3.13 -2.30 15.23
CA PRO A 197 1.97 -2.84 14.56
C PRO A 197 0.74 -2.21 15.20
N SER A 198 -0.27 -1.93 14.36
CA SER A 198 -1.48 -1.21 14.77
C SER A 198 -2.72 -2.01 14.40
N ALA A 199 -3.63 -2.12 15.34
CA ALA A 199 -4.90 -2.86 15.12
C ALA A 199 -5.90 -2.04 14.29
N ILE A 200 -5.49 -1.81 13.07
CA ILE A 200 -6.21 -1.06 12.03
CA ILE A 200 -6.35 -1.10 12.08
C ILE A 200 -6.61 -2.02 10.91
N ASP A 201 -7.79 -1.81 10.36
CA ASP A 201 -8.26 -2.48 9.14
C ASP A 201 -7.81 -1.60 7.98
N ALA A 202 -6.85 -2.06 7.20
CA ALA A 202 -6.27 -1.27 6.11
C ALA A 202 -7.25 -1.03 4.99
N ARG A 203 -8.37 -1.74 4.89
CA ARG A 203 -9.28 -1.43 3.79
CA ARG A 203 -9.42 -1.49 3.86
C ARG A 203 -9.89 -0.04 3.97
N THR A 204 -10.12 0.38 5.20
CA THR A 204 -10.79 1.65 5.52
C THR A 204 -9.91 2.56 6.38
N MET A 205 -8.73 2.09 6.80
CA MET A 205 -7.85 2.77 7.79
CA MET A 205 -7.87 2.84 7.74
C MET A 205 -8.70 3.22 8.99
N THR A 206 -9.38 2.25 9.57
CA THR A 206 -10.17 2.41 10.79
C THR A 206 -9.80 1.35 11.80
N ARG A 207 -10.06 1.65 13.06
CA ARG A 207 -9.84 0.74 14.20
C ARG A 207 -10.51 -0.61 13.98
N SER A 208 -9.76 -1.68 14.19
CA SER A 208 -10.30 -3.06 14.22
C SER A 208 -10.43 -3.48 15.69
N HIS A 209 -11.45 -3.02 16.37
CA HIS A 209 -11.69 -3.33 17.78
C HIS A 209 -12.58 -4.57 17.90
N ALA A 210 -12.63 -5.13 19.10
CA ALA A 210 -13.31 -6.44 19.32
C ALA A 210 -14.79 -6.31 19.04
N ARG A 211 -15.40 -5.15 19.22
CA ARG A 211 -16.81 -4.90 18.85
CA ARG A 211 -16.83 -5.00 18.88
C ARG A 211 -17.02 -5.26 17.37
N ARG A 212 -16.05 -4.91 16.55
CA ARG A 212 -16.12 -5.18 15.10
C ARG A 212 -15.68 -6.59 14.77
N ASN A 213 -14.49 -6.97 15.19
CA ASN A 213 -13.87 -8.23 14.67
C ASN A 213 -14.40 -9.47 15.39
N HIS A 214 -15.06 -9.33 16.54
CA HIS A 214 -15.56 -10.49 17.28
C HIS A 214 -17.01 -10.33 17.72
N TYR A 215 -17.71 -9.35 17.15
CA TYR A 215 -19.17 -9.24 17.35
C TYR A 215 -19.84 -8.81 16.05
N ASP A 216 -19.56 -7.62 15.53
CA ASP A 216 -20.28 -7.17 14.32
C ASP A 216 -20.10 -8.22 13.23
N ARG A 217 -18.89 -8.77 13.09
CA ARG A 217 -18.51 -9.73 12.02
C ARG A 217 -19.46 -10.93 12.01
N VAL A 218 -19.98 -11.29 13.19
CA VAL A 218 -20.76 -12.54 13.38
C VAL A 218 -22.15 -12.24 13.97
N SER A 219 -22.62 -10.99 13.86
CA SER A 219 -23.80 -10.52 14.60
C SER A 219 -25.12 -11.03 13.96
N SER A 220 -25.03 -11.68 12.82
CA SER A 220 -26.20 -12.34 12.22
C SER A 220 -26.55 -13.61 13.02
N ARG A 221 -25.67 -14.09 13.89
CA ARG A 221 -25.92 -15.31 14.69
C ARG A 221 -26.97 -15.07 15.75
N PRO A 222 -28.10 -15.81 15.73
CA PRO A 222 -29.12 -15.62 16.74
C PRO A 222 -28.72 -16.15 18.12
N ASN A 223 -27.70 -17.01 18.13
CA ASN A 223 -27.21 -17.69 19.36
C ASN A 223 -26.16 -16.84 20.10
N TYR A 224 -25.77 -15.70 19.54
CA TYR A 224 -24.76 -14.79 20.15
C TYR A 224 -25.52 -13.58 20.67
N HIS A 225 -25.88 -13.59 21.94
CA HIS A 225 -26.70 -12.54 22.56
C HIS A 225 -25.82 -11.56 23.31
N ILE A 226 -26.13 -10.29 23.23
CA ILE A 226 -25.43 -9.23 23.97
CA ILE A 226 -25.42 -9.27 24.02
C ILE A 226 -26.43 -8.40 24.77
N LEU A 227 -26.03 -7.94 25.96
CA LEU A 227 -26.84 -7.06 26.79
C LEU A 227 -25.92 -5.97 27.26
N PRO A 228 -25.83 -4.87 26.49
CA PRO A 228 -25.06 -3.70 26.92
C PRO A 228 -25.73 -2.99 28.09
N SER A 229 -24.94 -2.16 28.74
CA SER A 229 -25.35 -1.20 29.79
C SER A 229 -25.89 -1.94 31.02
N HIS A 230 -25.38 -3.13 31.30
CA HIS A 230 -25.76 -3.88 32.51
C HIS A 230 -24.52 -4.47 33.17
N LEU A 231 -24.57 -4.55 34.50
CA LEU A 231 -23.48 -5.02 35.36
C LEU A 231 -23.81 -6.39 35.90
N VAL A 232 -22.88 -7.31 35.82
CA VAL A 232 -22.97 -8.55 36.58
C VAL A 232 -22.60 -8.23 38.02
N SER A 233 -23.53 -8.50 38.96
CA SER A 233 -23.41 -8.07 40.36
C SER A 233 -23.10 -9.26 41.27
N LYS A 234 -23.29 -10.47 40.80
CA LYS A 234 -23.08 -11.66 41.64
C LYS A 234 -23.12 -12.89 40.75
N ILE A 235 -22.33 -13.90 41.12
CA ILE A 235 -22.46 -15.27 40.60
C ILE A 235 -23.43 -16.02 41.51
N LEU A 236 -24.28 -16.83 40.88
CA LEU A 236 -25.26 -17.68 41.58
C LEU A 236 -24.75 -19.11 41.58
N PHE A 237 -24.94 -19.80 42.71
CA PHE A 237 -24.46 -21.17 42.88
C PHE A 237 -25.56 -22.13 43.29
N ARG A 238 -25.35 -23.38 42.93
CA ARG A 238 -26.01 -24.54 43.55
C ARG A 238 -24.88 -25.34 44.18
N GLY A 239 -24.76 -25.25 45.50
CA GLY A 239 -23.59 -25.79 46.20
C GLY A 239 -22.35 -25.08 45.69
N LYS A 240 -21.38 -25.82 45.16
CA LYS A 240 -20.15 -25.19 44.63
C LYS A 240 -20.22 -25.07 43.12
N GLN A 241 -21.37 -25.34 42.50
CA GLN A 241 -21.52 -25.22 41.03
C GLN A 241 -22.02 -23.83 40.69
N ALA A 242 -21.25 -23.09 39.88
CA ALA A 242 -21.75 -21.79 39.32
C ALA A 242 -22.85 -22.07 38.30
N ILE A 243 -24.04 -21.51 38.49
CA ILE A 243 -25.22 -21.82 37.62
C ILE A 243 -25.79 -20.58 36.95
N GLY A 244 -25.37 -19.38 37.36
CA GLY A 244 -25.96 -18.18 36.74
C GLY A 244 -25.39 -16.94 37.33
N VAL A 245 -25.96 -15.80 36.96
CA VAL A 245 -25.51 -14.51 37.52
C VAL A 245 -26.73 -13.66 37.80
N SER A 246 -26.56 -12.70 38.67
CA SER A 246 -27.44 -11.53 38.89
C SER A 246 -26.86 -10.36 38.10
N TYR A 247 -27.74 -9.57 37.49
CA TYR A 247 -27.30 -8.34 36.82
C TYR A 247 -28.27 -7.22 37.09
N ILE A 248 -27.72 -6.02 37.02
CA ILE A 248 -28.41 -4.75 37.33
C ILE A 248 -28.09 -3.78 36.21
N PRO A 249 -28.90 -2.72 36.03
CA PRO A 249 -28.52 -1.68 35.10
C PRO A 249 -27.26 -0.96 35.60
N THR A 250 -26.33 -0.62 34.70
CA THR A 250 -25.12 0.11 35.09
C THR A 250 -25.50 1.43 35.75
N SER A 251 -26.58 2.05 35.29
CA SER A 251 -26.99 3.42 35.70
C SER A 251 -27.60 3.41 37.11
N GLY A 252 -27.71 2.26 37.78
CA GLY A 252 -28.05 2.31 39.21
C GLY A 252 -29.54 2.24 39.48
N GLY A 253 -30.37 1.85 38.50
CA GLY A 253 -31.78 1.56 38.78
C GLY A 253 -31.89 0.44 39.80
N ASN A 254 -32.85 0.56 40.71
CA ASN A 254 -33.18 -0.38 41.80
C ASN A 254 -33.92 -1.60 41.25
N THR A 255 -33.23 -2.41 40.44
CA THR A 255 -33.77 -3.64 39.80
C THR A 255 -32.63 -4.67 39.70
N THR A 256 -32.92 -5.94 39.94
CA THR A 256 -31.94 -7.06 39.84
CA THR A 256 -31.94 -7.04 39.80
C THR A 256 -32.62 -8.24 39.16
N THR A 257 -31.90 -8.91 38.27
CA THR A 257 -32.40 -9.99 37.41
C THR A 257 -31.46 -11.18 37.51
N ASN A 258 -32.00 -12.38 37.58
CA ASN A 258 -31.17 -13.61 37.59
C ASN A 258 -31.28 -14.28 36.23
N VAL A 259 -30.15 -14.75 35.73
CA VAL A 259 -30.14 -15.52 34.46
C VAL A 259 -29.19 -16.68 34.64
N TYR A 260 -29.45 -17.77 33.96
CA TYR A 260 -28.81 -19.08 34.24
C TYR A 260 -28.18 -19.65 32.99
N ALA A 261 -27.08 -20.40 33.24
CA ALA A 261 -26.32 -21.09 32.17
C ALA A 261 -26.30 -22.58 32.45
N SER A 262 -26.45 -23.35 31.38
CA SER A 262 -26.47 -24.83 31.49
C SER A 262 -25.07 -25.41 31.59
N LYS A 263 -24.03 -24.72 31.10
CA LYS A 263 -22.65 -25.27 31.14
C LYS A 263 -21.76 -24.43 32.07
N GLU A 264 -21.42 -23.19 31.71
CA GLU A 264 -20.46 -22.43 32.53
C GLU A 264 -20.77 -20.94 32.56
N ILE A 265 -20.26 -20.30 33.59
CA ILE A 265 -20.12 -18.85 33.75
C ILE A 265 -18.67 -18.52 33.47
N THR A 266 -18.43 -17.52 32.65
CA THR A 266 -17.07 -17.02 32.38
C THR A 266 -16.96 -15.59 32.83
N LEU A 267 -15.97 -15.28 33.64
CA LEU A 267 -15.71 -13.88 33.99
C LEU A 267 -14.72 -13.26 32.99
N ALA A 268 -15.08 -12.10 32.46
CA ALA A 268 -14.25 -11.39 31.46
C ALA A 268 -14.34 -9.91 31.76
N ALA A 269 -14.35 -9.54 33.02
CA ALA A 269 -14.69 -8.17 33.45
C ALA A 269 -13.44 -7.31 33.71
N GLY A 270 -12.27 -7.84 33.38
CA GLY A 270 -11.03 -7.08 33.42
C GLY A 270 -10.35 -7.15 34.78
N GLY A 271 -9.10 -6.69 34.80
CA GLY A 271 -8.28 -6.68 36.03
C GLY A 271 -8.96 -5.99 37.20
N LEU A 272 -9.77 -4.96 36.95
CA LEU A 272 -10.44 -4.19 38.02
C LEU A 272 -11.90 -4.60 38.22
N GLY A 273 -12.44 -5.47 37.40
CA GLY A 273 -13.84 -5.91 37.47
C GLY A 273 -14.01 -7.33 37.91
N THR A 274 -13.20 -8.26 37.42
CA THR A 274 -13.33 -9.69 37.77
C THR A 274 -13.15 -9.94 39.27
N PRO A 275 -12.14 -9.37 39.95
CA PRO A 275 -11.97 -9.65 41.36
C PRO A 275 -13.17 -9.12 42.18
N LYS A 276 -13.79 -8.03 41.74
CA LYS A 276 -15.00 -7.52 42.44
C LYS A 276 -16.17 -8.51 42.28
N ILE A 277 -16.42 -9.04 41.10
CA ILE A 277 -17.50 -10.03 40.95
C ILE A 277 -17.18 -11.21 41.90
N LEU A 278 -15.95 -11.70 41.90
CA LEU A 278 -15.59 -12.86 42.72
C LEU A 278 -15.86 -12.54 44.18
N GLN A 279 -15.35 -11.41 44.67
CA GLN A 279 -15.45 -11.10 46.11
C GLN A 279 -16.91 -10.91 46.51
N LEU A 280 -17.71 -10.22 45.72
CA LEU A 280 -19.16 -10.02 46.04
C LEU A 280 -19.85 -11.37 46.09
N SER A 281 -19.34 -12.37 45.38
CA SER A 281 -19.93 -13.72 45.22
C SER A 281 -19.45 -14.67 46.32
N GLY A 282 -18.56 -14.23 47.20
CA GLY A 282 -18.02 -15.07 48.28
C GLY A 282 -16.78 -15.84 47.85
N ILE A 283 -16.10 -15.41 46.79
CA ILE A 283 -14.85 -16.06 46.32
C ILE A 283 -13.73 -15.04 46.52
N GLY A 284 -12.92 -15.27 47.53
CA GLY A 284 -11.98 -14.25 47.93
C GLY A 284 -11.40 -14.52 49.29
N PRO A 285 -10.62 -13.58 49.82
CA PRO A 285 -9.97 -13.78 51.09
C PRO A 285 -11.02 -13.77 52.22
N ARG A 286 -11.01 -14.82 53.03
CA ARG A 286 -12.01 -14.92 54.11
C ARG A 286 -11.95 -13.70 55.01
N LYS A 287 -10.79 -13.09 55.24
CA LYS A 287 -10.75 -11.90 56.14
C LYS A 287 -11.67 -10.80 55.61
N LEU A 288 -11.47 -10.39 54.37
CA LEU A 288 -12.29 -9.34 53.69
C LEU A 288 -13.77 -9.78 53.68
N LEU A 289 -14.05 -11.00 53.30
CA LEU A 289 -15.45 -11.45 53.13
C LEU A 289 -16.11 -11.46 54.51
N ASN A 290 -15.39 -11.92 55.52
CA ASN A 290 -15.97 -11.93 56.89
C ASN A 290 -16.26 -10.50 57.35
N GLU A 291 -15.35 -9.55 57.13
CA GLU A 291 -15.50 -8.16 57.59
C GLU A 291 -16.78 -7.57 56.97
N LEU A 292 -17.10 -7.96 55.73
CA LEU A 292 -18.29 -7.40 55.03
C LEU A 292 -19.51 -8.31 55.17
N GLY A 293 -19.43 -9.44 55.87
CA GLY A 293 -20.61 -10.31 56.12
C GLY A 293 -20.99 -11.13 54.90
N ILE A 294 -20.04 -11.33 54.00
CA ILE A 294 -20.29 -12.10 52.77
C ILE A 294 -19.99 -13.58 53.05
N PRO A 295 -20.95 -14.52 52.86
CA PRO A 295 -20.64 -15.94 53.08
C PRO A 295 -19.50 -16.40 52.17
N VAL A 296 -18.56 -17.15 52.73
CA VAL A 296 -17.38 -17.66 51.96
C VAL A 296 -17.79 -18.92 51.22
N ILE A 297 -17.80 -18.85 49.89
CA ILE A 297 -18.00 -20.01 48.95
C ILE A 297 -16.65 -20.67 48.69
N SER A 298 -15.63 -19.88 48.42
CA SER A 298 -14.25 -20.41 48.23
C SER A 298 -13.26 -19.38 48.78
N ASP A 299 -12.50 -19.80 49.78
CA ASP A 299 -11.52 -18.94 50.47
C ASP A 299 -10.21 -18.90 49.67
N LEU A 300 -10.07 -17.86 48.89
CA LEU A 300 -8.96 -17.68 47.93
C LEU A 300 -8.29 -16.33 48.22
N PRO A 301 -7.20 -16.31 49.02
CA PRO A 301 -6.59 -15.06 49.39
C PRO A 301 -5.99 -14.31 48.19
N GLY A 302 -5.76 -14.98 47.10
CA GLY A 302 -5.21 -14.29 45.91
C GLY A 302 -6.17 -13.34 45.21
N VAL A 303 -7.47 -13.40 45.46
CA VAL A 303 -8.42 -12.58 44.67
C VAL A 303 -8.25 -11.13 45.08
N GLY A 304 -7.88 -10.31 44.09
CA GLY A 304 -7.62 -8.88 44.31
C GLY A 304 -6.20 -8.59 44.74
N GLN A 305 -5.39 -9.62 44.94
CA GLN A 305 -3.95 -9.44 45.17
C GLN A 305 -3.24 -9.37 43.82
N ASN A 306 -1.96 -9.02 43.86
CA ASN A 306 -1.05 -9.21 42.71
C ASN A 306 -1.34 -8.22 41.58
N LEU A 307 -2.07 -7.12 41.87
CA LEU A 307 -2.35 -6.13 40.81
C LEU A 307 -1.05 -5.62 40.21
N GLN A 308 -0.99 -5.57 38.88
CA GLN A 308 0.13 -4.97 38.16
C GLN A 308 -0.40 -4.07 37.06
N ASP A 309 0.44 -3.13 36.69
CA ASP A 309 0.22 -2.27 35.51
C ASP A 309 1.60 -1.99 34.92
N GLN A 310 1.70 -1.15 33.92
CA GLN A 310 2.97 -0.77 33.31
C GLN A 310 3.08 0.73 33.39
N PRO A 311 3.79 1.23 34.41
CA PRO A 311 3.88 2.68 34.59
C PRO A 311 4.45 3.43 33.39
N THR A 312 4.04 4.70 33.31
CA THR A 312 4.46 5.58 32.23
C THR A 312 5.07 6.87 32.77
N LEU A 313 5.96 7.44 31.97
CA LEU A 313 6.61 8.72 32.30
C LEU A 313 6.64 9.54 31.03
N THR A 314 6.11 10.75 31.12
CA THR A 314 6.09 11.72 30.01
C THR A 314 7.17 12.76 30.26
N ILE A 315 8.15 12.83 29.38
CA ILE A 315 9.29 13.74 29.53
C ILE A 315 9.06 14.89 28.56
N PRO A 316 9.01 16.14 29.05
CA PRO A 316 8.79 17.29 28.19
C PRO A 316 10.08 17.79 27.57
N TYR A 317 9.97 18.30 26.35
CA TYR A 317 11.10 18.81 25.56
C TYR A 317 10.72 20.14 24.94
N THR A 318 11.74 20.94 24.69
CA THR A 318 11.65 22.04 23.69
CA THR A 318 11.68 22.05 23.71
C THR A 318 12.72 21.80 22.62
N PHE A 319 12.54 22.39 21.47
CA PHE A 319 13.41 22.18 20.32
C PHE A 319 13.79 23.51 19.70
N THR A 320 15.03 23.64 19.25
CA THR A 320 15.40 24.84 18.48
C THR A 320 15.18 24.62 16.97
N ASN A 321 15.06 23.37 16.54
CA ASN A 321 15.10 23.07 15.09
C ASN A 321 14.26 21.83 14.78
N ASN A 322 13.07 21.69 15.38
CA ASN A 322 12.25 20.51 15.08
C ASN A 322 11.83 20.62 13.62
N VAL A 323 11.60 19.47 13.00
CA VAL A 323 11.20 19.34 11.58
C VAL A 323 9.69 19.38 11.41
N PHE A 324 9.25 20.04 10.36
CA PHE A 324 7.85 20.14 9.93
C PHE A 324 7.61 19.12 8.83
N PRO A 325 6.45 18.45 8.78
CA PRO A 325 5.44 18.42 9.85
C PRO A 325 5.81 17.42 10.95
N ASN A 326 5.10 17.54 12.07
CA ASN A 326 5.25 16.64 13.23
C ASN A 326 3.89 16.51 13.88
N THR A 327 3.74 15.64 14.89
CA THR A 327 2.40 15.37 15.45
C THR A 327 1.82 16.69 15.98
N ASP A 328 2.64 17.57 16.54
CA ASP A 328 2.10 18.81 17.12
C ASP A 328 1.66 19.80 16.04
N SER A 329 2.04 19.61 14.79
CA SER A 329 1.50 20.41 13.67
C SER A 329 -0.01 20.23 13.58
N LEU A 330 -0.52 19.04 13.90
CA LEU A 330 -1.99 18.77 13.83
C LEU A 330 -2.73 19.64 14.85
N THR A 331 -2.12 20.00 15.97
CA THR A 331 -2.88 20.78 16.99
CA THR A 331 -2.76 20.78 17.06
C THR A 331 -2.56 22.28 16.88
N THR A 332 -1.45 22.68 16.29
CA THR A 332 -1.05 24.10 16.29
C THR A 332 -1.09 24.72 14.91
N ASN A 333 -1.43 23.96 13.87
CA ASN A 333 -1.49 24.47 12.48
C ASN A 333 -2.81 24.03 11.88
N ALA A 334 -3.79 24.91 11.95
CA ALA A 334 -5.16 24.55 11.51
C ALA A 334 -5.17 24.21 10.01
N THR A 335 -4.30 24.83 9.24
CA THR A 335 -4.22 24.58 7.78
C THR A 335 -3.69 23.15 7.57
N TYR A 336 -2.59 22.77 8.22
CA TYR A 336 -2.02 21.42 8.11
C TYR A 336 -3.08 20.41 8.58
N ASN A 337 -3.73 20.63 9.70
CA ASN A 337 -4.74 19.70 10.21
C ASN A 337 -5.84 19.54 9.17
N ALA A 338 -6.38 20.64 8.65
CA ALA A 338 -7.49 20.56 7.67
C ALA A 338 -7.01 19.82 6.43
N GLU A 339 -5.84 20.09 5.95
CA GLU A 339 -5.34 19.43 4.73
C GLU A 339 -5.12 17.94 4.99
N GLN A 340 -4.62 17.56 6.16
CA GLN A 340 -4.45 16.12 6.45
C GLN A 340 -5.80 15.46 6.62
N ARG A 341 -6.78 16.12 7.21
CA ARG A 341 -8.08 15.45 7.36
C ARG A 341 -8.75 15.34 5.99
N ALA A 342 -8.60 16.32 5.12
CA ALA A 342 -9.15 16.23 3.75
C ALA A 342 -8.50 15.10 2.98
N LEU A 343 -7.21 14.95 3.13
CA LEU A 343 -6.44 13.87 2.48
C LEU A 343 -6.94 12.53 2.97
N TYR A 344 -7.15 12.35 4.25
CA TYR A 344 -7.71 11.10 4.79
C TYR A 344 -9.11 10.87 4.24
N ASP A 345 -9.95 11.90 4.27
CA ASP A 345 -11.34 11.75 3.85
C ASP A 345 -11.40 11.35 2.37
N SER A 346 -10.48 11.82 1.55
CA SER A 346 -10.48 11.56 0.10
C SER A 346 -9.85 10.20 -0.21
N SER A 347 -8.57 10.02 0.09
CA SER A 347 -7.79 8.84 -0.34
C SER A 347 -7.26 8.00 0.82
N LYS A 348 -7.63 8.31 2.02
CA LYS A 348 -7.27 7.51 3.22
C LYS A 348 -5.77 7.50 3.44
N GLN A 349 -5.10 8.59 3.06
CA GLN A 349 -3.63 8.75 3.22
C GLN A 349 -3.33 9.69 4.40
N GLY A 350 -2.12 9.61 4.90
CA GLY A 350 -1.51 10.68 5.69
C GLY A 350 -1.60 10.54 7.20
N ALA A 351 -1.40 11.68 7.86
CA ALA A 351 -1.23 11.71 9.31
C ALA A 351 -2.41 11.15 10.09
N TYR A 352 -3.61 11.21 9.57
CA TYR A 352 -4.78 10.68 10.28
C TYR A 352 -4.81 9.15 10.33
N THR A 353 -3.86 8.47 9.68
CA THR A 353 -3.76 7.01 9.84
C THR A 353 -2.93 6.61 11.05
N ILE A 354 -2.26 7.56 11.69
CA ILE A 354 -1.46 7.36 12.92
C ILE A 354 -2.32 7.72 14.12
N VAL A 355 -2.35 6.92 15.16
CA VAL A 355 -3.09 7.31 16.36
C VAL A 355 -2.52 8.63 16.91
N ASN A 356 -3.43 9.56 17.17
CA ASN A 356 -3.06 10.93 17.57
C ASN A 356 -2.10 10.89 18.74
N SER A 357 -0.99 11.61 18.55
CA SER A 357 0.10 11.84 19.51
C SER A 357 1.14 10.73 19.45
N LEU A 358 0.86 9.59 18.82
CA LEU A 358 1.87 8.59 18.57
C LEU A 358 2.64 8.92 17.28
N SER A 359 3.81 8.34 17.22
CA SER A 359 4.57 8.15 15.99
C SER A 359 4.44 6.68 15.54
N THR A 360 5.32 6.30 14.64
CA THR A 360 5.24 5.03 13.92
C THR A 360 6.22 4.00 14.42
N ASN A 361 7.26 4.39 15.14
CA ASN A 361 8.31 3.47 15.62
C ASN A 361 8.41 3.56 17.13
N ILE A 362 9.14 2.61 17.71
CA ILE A 362 9.22 2.44 19.16
C ILE A 362 10.46 1.59 19.45
N GLY A 363 10.93 1.63 20.68
CA GLY A 363 12.04 0.77 21.08
C GLY A 363 11.78 0.07 22.38
N VAL A 364 12.28 -1.18 22.45
CA VAL A 364 12.19 -1.99 23.67
C VAL A 364 13.57 -2.51 24.03
N MET A 365 13.84 -2.64 25.32
CA MET A 365 15.21 -3.01 25.75
C MET A 365 15.15 -3.88 27.00
N SER A 366 16.07 -4.83 27.01
CA SER A 366 16.41 -5.64 28.21
C SER A 366 17.09 -4.75 29.24
N LEU A 367 17.24 -5.32 30.44
CA LEU A 367 17.91 -4.56 31.51
C LEU A 367 19.38 -4.35 31.12
N GLN A 368 20.03 -5.37 30.54
CA GLN A 368 21.45 -5.19 30.18
C GLN A 368 21.63 -4.24 29.00
N ARG A 369 20.62 -4.13 28.15
CA ARG A 369 20.68 -3.14 27.04
C ARG A 369 20.45 -1.74 27.59
N ALA A 370 19.57 -1.58 28.58
CA ALA A 370 19.35 -0.27 29.19
C ALA A 370 20.63 0.17 29.95
N ALA A 371 21.21 -0.75 30.68
CA ALA A 371 22.21 -0.45 31.74
C ALA A 371 23.38 -1.42 31.62
N PRO A 372 24.16 -1.39 30.53
CA PRO A 372 25.19 -2.39 30.30
C PRO A 372 26.26 -2.37 31.39
N LYS A 373 26.47 -1.24 32.03
CA LYS A 373 27.58 -1.12 32.99
C LYS A 373 27.10 -1.39 34.41
N SER A 374 25.82 -1.52 34.66
CA SER A 374 25.30 -1.63 36.04
C SER A 374 24.17 -2.64 36.21
N TYR A 375 23.71 -3.32 35.18
CA TYR A 375 22.56 -4.24 35.37
C TYR A 375 22.85 -5.30 36.43
N ARG A 376 24.09 -5.77 36.56
CA ARG A 376 24.38 -6.83 37.56
C ARG A 376 24.27 -6.26 38.98
N GLN A 377 24.45 -4.97 39.19
CA GLN A 377 24.25 -4.34 40.51
C GLN A 377 22.76 -4.34 40.84
N ILE A 378 21.91 -4.02 39.85
CA ILE A 378 20.45 -4.02 40.06
C ILE A 378 19.99 -5.45 40.37
N ILE A 379 20.46 -6.41 39.61
CA ILE A 379 20.09 -7.83 39.85
C ILE A 379 20.53 -8.24 41.26
N ALA A 380 21.73 -7.86 41.68
CA ALA A 380 22.23 -8.23 43.02
C ALA A 380 21.32 -7.64 44.06
N ALA A 381 20.95 -6.35 43.95
CA ALA A 381 20.04 -5.72 44.93
C ALA A 381 18.72 -6.50 44.99
N ALA A 382 18.21 -6.86 43.81
CA ALA A 382 16.90 -7.53 43.79
C ALA A 382 17.01 -8.94 44.38
N ARG A 383 18.10 -9.63 44.06
CA ARG A 383 18.33 -11.01 44.52
C ARG A 383 18.50 -10.98 46.05
N ALA A 384 19.12 -9.95 46.60
CA ALA A 384 19.47 -9.92 48.04
C ALA A 384 18.21 -9.73 48.88
N ARG A 385 17.22 -9.03 48.34
CA ARG A 385 16.05 -8.65 49.15
C ARG A 385 15.01 -9.76 49.17
N SER A 386 14.53 -10.09 50.35
CA SER A 386 13.45 -11.08 50.49
C SER A 386 12.24 -10.62 49.68
N ALA A 387 11.62 -11.55 48.97
CA ALA A 387 10.39 -11.23 48.23
C ALA A 387 9.35 -10.61 49.18
N SER A 388 9.25 -11.10 50.40
CA SER A 388 8.19 -10.68 51.33
C SER A 388 8.23 -9.16 51.59
N LEU A 389 9.37 -8.50 51.42
CA LEU A 389 9.47 -7.04 51.71
C LEU A 389 8.62 -6.23 50.71
N SER A 390 8.26 -6.79 49.57
CA SER A 390 7.46 -6.06 48.57
C SER A 390 5.98 -6.09 48.90
N LEU A 391 5.59 -6.84 49.90
CA LEU A 391 4.17 -7.00 50.28
C LEU A 391 4.03 -6.56 51.74
N PRO A 392 2.87 -6.06 52.15
CA PRO A 392 2.65 -5.72 53.56
C PRO A 392 2.83 -6.91 54.48
N PRO A 393 3.26 -6.66 55.74
CA PRO A 393 3.36 -7.72 56.73
C PRO A 393 1.92 -8.22 56.90
N GLY A 394 1.80 -9.52 57.09
CA GLY A 394 0.51 -10.19 57.26
C GLY A 394 -0.15 -10.48 55.93
N THR A 395 0.52 -10.24 54.79
CA THR A 395 0.07 -10.82 53.49
C THR A 395 -0.02 -12.33 53.66
N ASP A 396 -1.03 -12.95 53.09
CA ASP A 396 -1.24 -14.40 53.18
C ASP A 396 0.02 -15.13 52.72
N PRO A 397 0.50 -16.14 53.47
CA PRO A 397 1.72 -16.84 53.10
CA PRO A 397 1.76 -16.77 53.08
C PRO A 397 1.72 -17.46 51.70
N ALA A 398 0.55 -17.95 51.27
CA ALA A 398 0.42 -18.52 49.91
C ALA A 398 0.68 -17.42 48.88
N VAL A 399 0.12 -16.25 49.10
CA VAL A 399 0.30 -15.12 48.15
C VAL A 399 1.77 -14.72 48.13
N ILE A 400 2.45 -14.71 49.28
CA ILE A 400 3.89 -14.43 49.31
C ILE A 400 4.65 -15.50 48.51
N ARG A 401 4.32 -16.78 48.68
CA ARG A 401 5.01 -17.83 47.90
C ARG A 401 4.85 -17.59 46.39
N GLY A 402 3.64 -17.25 45.93
CA GLY A 402 3.46 -17.02 44.49
C GLY A 402 4.23 -15.80 44.02
N TYR A 403 4.27 -14.74 44.81
CA TYR A 403 5.03 -13.54 44.46
C TYR A 403 6.53 -13.90 44.41
N GLN A 404 7.05 -14.68 45.35
CA GLN A 404 8.47 -15.14 45.33
CA GLN A 404 8.47 -15.10 45.30
C GLN A 404 8.74 -15.86 44.00
N ALA A 405 7.84 -16.73 43.59
CA ALA A 405 8.03 -17.49 42.34
C ALA A 405 8.05 -16.51 41.14
N GLN A 406 7.10 -15.60 41.09
CA GLN A 406 7.08 -14.59 39.99
C GLN A 406 8.40 -13.80 40.00
N ARG A 407 8.80 -13.35 41.18
CA ARG A 407 10.01 -12.52 41.34
C ARG A 407 11.21 -13.29 40.83
N ASN A 408 11.34 -14.55 41.19
CA ASN A 408 12.48 -15.35 40.70
C ASN A 408 12.46 -15.45 39.17
N ALA A 409 11.30 -15.63 38.59
CA ALA A 409 11.17 -15.68 37.12
C ALA A 409 11.60 -14.32 36.51
N ILE A 410 11.15 -13.22 37.11
CA ILE A 410 11.48 -11.88 36.57
C ILE A 410 12.98 -11.60 36.74
N LEU A 411 13.60 -12.09 37.82
CA LEU A 411 15.06 -11.87 37.99
C LEU A 411 15.80 -12.67 36.91
N LYS A 412 15.32 -13.85 36.51
CA LYS A 412 15.92 -14.54 35.34
C LYS A 412 15.72 -13.67 34.08
N GLN A 413 14.55 -13.02 33.95
CA GLN A 413 14.34 -12.14 32.78
C GLN A 413 15.29 -10.93 32.82
N PHE A 414 15.57 -10.39 33.99
CA PHE A 414 16.55 -9.26 34.13
C PHE A 414 17.94 -9.69 33.62
N GLU A 415 18.29 -10.98 33.80
CA GLU A 415 19.58 -11.55 33.33
C GLU A 415 19.59 -11.86 31.83
N ASN A 416 18.42 -11.89 31.22
CA ASN A 416 18.25 -12.40 29.85
C ASN A 416 18.40 -11.24 28.87
N PRO A 417 19.32 -11.33 27.90
CA PRO A 417 19.47 -10.23 26.94
C PRO A 417 18.28 -10.12 25.99
N ASN A 418 17.44 -11.14 25.96
CA ASN A 418 16.35 -11.26 24.96
C ASN A 418 14.98 -10.99 25.57
N VAL A 419 14.88 -10.43 26.76
CA VAL A 419 13.57 -10.08 27.33
C VAL A 419 13.55 -8.59 27.65
N GLY A 420 12.48 -7.92 27.23
CA GLY A 420 12.34 -6.48 27.49
C GLY A 420 11.86 -6.14 28.91
N VAL A 421 12.36 -5.03 29.44
CA VAL A 421 11.90 -4.45 30.72
C VAL A 421 11.37 -3.03 30.58
N GLY A 422 11.63 -2.37 29.46
CA GLY A 422 11.21 -0.99 29.28
C GLY A 422 11.04 -0.68 27.80
N THR A 423 10.23 0.35 27.54
CA THR A 423 9.90 0.86 26.21
C THR A 423 10.22 2.35 26.18
N VAL A 424 10.72 2.81 25.03
CA VAL A 424 10.90 4.22 24.72
C VAL A 424 10.14 4.59 23.42
N HIS A 425 9.56 5.78 23.43
CA HIS A 425 8.76 6.29 22.30
C HIS A 425 8.95 7.78 22.22
N TRP A 426 8.93 8.30 21.01
CA TRP A 426 8.81 9.75 20.79
C TRP A 426 7.76 10.01 19.73
N GLY A 427 6.71 10.73 20.08
CA GLY A 427 5.61 11.00 19.14
C GLY A 427 5.95 11.99 18.03
N THR A 428 7.13 12.62 18.06
CA THR A 428 7.69 13.64 17.14
C THR A 428 7.43 15.09 17.62
N GLY A 429 6.72 15.24 18.71
CA GLY A 429 6.36 16.55 19.26
C GLY A 429 7.06 16.83 20.58
N SER A 430 6.33 17.44 21.49
CA SER A 430 6.89 18.07 22.71
C SER A 430 7.13 17.10 23.85
N SER A 431 6.89 15.80 23.67
CA SER A 431 7.17 14.90 24.79
C SER A 431 7.61 13.52 24.28
N ALA A 432 8.41 12.88 25.11
CA ALA A 432 8.77 11.46 24.94
C ALA A 432 8.11 10.67 26.05
N LEU A 433 7.93 9.38 25.80
CA LEU A 433 7.32 8.40 26.71
CA LEU A 433 7.32 8.44 26.76
C LEU A 433 8.32 7.31 27.07
N VAL A 434 8.41 6.99 28.34
CA VAL A 434 9.21 5.86 28.83
C VAL A 434 8.31 4.98 29.68
N TYR A 435 8.20 3.71 29.33
CA TYR A 435 7.28 2.75 29.98
C TYR A 435 8.12 1.73 30.73
N HIS A 436 7.69 1.42 31.92
CA HIS A 436 8.33 0.37 32.76
C HIS A 436 7.48 -0.89 32.62
N LEU A 437 7.99 -1.89 31.91
CA LEU A 437 7.13 -3.05 31.48
C LEU A 437 7.03 -4.10 32.58
N LYS A 438 8.02 -4.19 33.46
CA LYS A 438 8.22 -5.36 34.35
C LYS A 438 8.42 -4.90 35.78
N PRO A 439 7.44 -4.20 36.38
CA PRO A 439 7.59 -3.82 37.78
C PRO A 439 7.59 -5.06 38.67
N LEU A 440 8.36 -4.96 39.73
CA LEU A 440 8.36 -5.91 40.85
C LEU A 440 7.36 -5.49 41.92
N SER A 441 6.85 -4.28 41.88
CA SER A 441 5.80 -3.84 42.82
C SER A 441 4.49 -4.57 42.53
N ARG A 442 3.69 -4.74 43.55
CA ARG A 442 2.37 -5.40 43.45
C ARG A 442 1.34 -4.63 44.25
N GLY A 443 0.17 -4.46 43.66
CA GLY A 443 -0.92 -3.71 44.30
C GLY A 443 -2.12 -4.58 44.64
N THR A 444 -3.24 -3.92 44.92
CA THR A 444 -4.49 -4.58 45.36
C THR A 444 -5.72 -3.92 44.76
N VAL A 445 -6.75 -4.73 44.58
CA VAL A 445 -8.10 -4.22 44.25
C VAL A 445 -9.10 -5.02 45.07
N ASN A 446 -9.74 -4.32 46.01
CA ASN A 446 -10.64 -4.95 46.98
C ASN A 446 -11.96 -4.19 47.01
N ILE A 447 -13.05 -4.93 47.09
CA ILE A 447 -14.35 -4.26 47.41
C ILE A 447 -14.29 -3.60 48.78
N ARG A 448 -15.07 -2.53 48.89
CA ARG A 448 -15.19 -1.72 50.12
C ARG A 448 -16.57 -1.93 50.75
N SER A 449 -17.49 -2.58 50.05
CA SER A 449 -18.88 -2.82 50.51
C SER A 449 -19.52 -3.94 49.72
N THR A 450 -20.73 -4.32 50.11
CA THR A 450 -21.54 -5.29 49.35
C THR A 450 -22.37 -4.61 48.26
N ASN A 451 -22.26 -3.29 48.09
CA ASN A 451 -23.05 -2.56 47.08
C ASN A 451 -22.34 -2.70 45.74
N PRO A 452 -22.95 -3.40 44.77
CA PRO A 452 -22.27 -3.62 43.49
C PRO A 452 -22.04 -2.34 42.70
N LEU A 453 -22.65 -1.23 43.10
CA LEU A 453 -22.42 0.06 42.41
C LEU A 453 -21.22 0.82 42.98
N ASP A 454 -20.64 0.35 44.08
CA ASP A 454 -19.54 1.05 44.77
C ASP A 454 -18.21 0.64 44.08
N ALA A 455 -17.39 1.62 43.74
CA ALA A 455 -16.04 1.36 43.22
C ALA A 455 -15.27 0.55 44.26
N PRO A 456 -14.38 -0.35 43.81
CA PRO A 456 -13.44 -1.00 44.72
C PRO A 456 -12.34 -0.01 45.12
N GLU A 457 -11.61 -0.38 46.16
CA GLU A 457 -10.38 0.31 46.55
C GLU A 457 -9.23 -0.17 45.65
N ILE A 458 -8.60 0.74 44.95
CA ILE A 458 -7.55 0.39 43.95
C ILE A 458 -6.25 1.01 44.42
N ASP A 459 -5.29 0.15 44.80
CA ASP A 459 -3.98 0.64 45.31
C ASP A 459 -2.90 0.04 44.42
N TYR A 460 -2.37 0.82 43.46
CA TYR A 460 -1.37 0.27 42.54
C TYR A 460 -0.10 -0.16 43.28
N ARG A 461 0.28 0.58 44.32
CA ARG A 461 1.55 0.34 45.07
C ARG A 461 2.76 0.53 44.15
N THR A 462 2.63 1.39 43.15
CA THR A 462 3.73 1.70 42.25
C THR A 462 4.93 2.22 43.04
N GLY A 463 6.12 1.71 42.72
CA GLY A 463 7.36 2.20 43.34
C GLY A 463 7.52 1.79 44.78
N THR A 464 6.68 0.90 45.28
CA THR A 464 6.86 0.44 46.69
C THR A 464 8.05 -0.51 46.76
N ASP A 465 8.30 -1.29 45.74
CA ASP A 465 9.53 -2.12 45.66
C ASP A 465 10.64 -1.23 45.13
N PRO A 466 11.68 -0.96 45.95
CA PRO A 466 12.70 0.02 45.56
C PRO A 466 13.51 -0.36 44.33
N ILE A 467 13.50 -1.64 43.94
CA ILE A 467 14.22 -2.06 42.71
C ILE A 467 13.60 -1.35 41.51
N ASP A 468 12.30 -1.12 41.53
CA ASP A 468 11.62 -0.53 40.38
C ASP A 468 12.25 0.82 40.02
N ALA A 469 12.58 1.63 41.02
CA ALA A 469 13.18 2.94 40.76
C ALA A 469 14.53 2.77 40.07
N GLN A 470 15.30 1.77 40.45
CA GLN A 470 16.62 1.57 39.83
C GLN A 470 16.44 1.19 38.33
N VAL A 471 15.53 0.30 38.04
CA VAL A 471 15.26 -0.06 36.62
C VAL A 471 14.78 1.20 35.87
N TYR A 472 13.82 1.92 36.45
CA TYR A 472 13.18 3.02 35.72
C TYR A 472 14.16 4.16 35.50
N THR A 473 15.06 4.38 36.45
CA THR A 473 16.10 5.42 36.27
C THR A 473 16.99 5.04 35.09
N SER A 474 17.34 3.77 34.97
CA SER A 474 18.19 3.31 33.84
CA SER A 474 18.19 3.32 33.84
C SER A 474 17.44 3.53 32.52
N LEU A 475 16.13 3.28 32.48
CA LEU A 475 15.35 3.52 31.25
C LEU A 475 15.35 5.01 30.90
N PHE A 476 15.20 5.87 31.89
CA PHE A 476 15.24 7.33 31.67
C PHE A 476 16.59 7.69 31.06
N ARG A 477 17.68 7.13 31.59
CA ARG A 477 19.02 7.50 31.07
C ARG A 477 19.17 7.03 29.63
N LYS A 478 18.63 5.86 29.27
CA LYS A 478 18.74 5.42 27.87
C LYS A 478 17.95 6.38 26.99
N ASN A 479 16.77 6.82 27.41
CA ASN A 479 16.01 7.78 26.62
C ASN A 479 16.87 9.02 26.41
N ARG A 480 17.54 9.48 27.46
CA ARG A 480 18.37 10.70 27.35
C ARG A 480 19.47 10.46 26.31
N GLU A 481 20.07 9.28 26.30
CA GLU A 481 21.08 8.98 25.29
C GLU A 481 20.52 9.15 23.88
N ILE A 482 19.28 8.71 23.62
CA ILE A 482 18.70 8.84 22.26
C ILE A 482 18.63 10.32 21.90
N PHE A 483 18.09 11.14 22.77
CA PHE A 483 17.92 12.57 22.49
C PHE A 483 19.26 13.31 22.38
N ASN A 484 20.33 12.77 22.93
CA ASN A 484 21.68 13.38 22.86
CA ASN A 484 21.70 13.33 22.91
C ASN A 484 22.48 12.81 21.69
N ALA A 485 21.97 11.82 20.96
CA ALA A 485 22.72 11.19 19.86
C ALA A 485 22.76 12.14 18.66
N PRO A 486 23.72 11.96 17.74
CA PRO A 486 23.87 12.90 16.65
C PRO A 486 22.63 13.15 15.82
N SER A 487 21.89 12.07 15.52
CA SER A 487 20.74 12.20 14.61
C SER A 487 19.60 12.98 15.27
N MET A 488 19.51 13.05 16.59
CA MET A 488 18.49 13.87 17.28
C MET A 488 19.04 15.26 17.58
N ARG A 489 20.33 15.38 17.86
CA ARG A 489 20.93 16.69 18.21
CA ARG A 489 20.90 16.70 18.21
C ARG A 489 20.64 17.70 17.08
N VAL A 490 20.53 17.26 15.85
CA VAL A 490 20.27 18.21 14.72
CA VAL A 490 20.21 18.10 14.65
C VAL A 490 18.90 18.89 14.86
N LEU A 491 17.96 18.34 15.59
CA LEU A 491 16.65 18.99 15.82
C LEU A 491 16.75 19.95 17.01
N GLY A 492 17.87 19.95 17.72
CA GLY A 492 18.08 20.86 18.87
C GLY A 492 17.13 20.62 20.04
N PRO A 493 16.95 19.34 20.52
CA PRO A 493 16.12 19.09 21.69
C PRO A 493 16.82 19.55 22.97
N SER A 494 16.00 19.92 23.95
CA SER A 494 16.45 19.93 25.35
CA SER A 494 16.37 20.13 25.37
C SER A 494 15.30 19.56 26.27
N GLU A 495 15.62 18.77 27.29
CA GLU A 495 14.60 18.46 28.31
C GLU A 495 14.14 19.78 28.93
N ALA A 496 12.85 19.88 29.16
CA ALA A 496 12.21 21.04 29.81
C ALA A 496 11.95 20.73 31.27
N ALA A 497 11.80 21.75 32.09
CA ALA A 497 11.39 21.58 33.50
C ALA A 497 10.10 20.78 33.53
N PRO A 498 9.90 19.89 34.50
CA PRO A 498 10.78 19.73 35.67
C PRO A 498 11.96 18.80 35.48
N PHE A 499 12.17 18.29 34.26
CA PHE A 499 13.44 17.58 33.95
C PHE A 499 14.47 18.60 33.54
N GLY A 500 15.53 18.20 32.88
CA GLY A 500 16.60 19.08 32.45
C GLY A 500 17.95 18.40 32.47
N ALA A 501 18.82 18.83 31.58
CA ALA A 501 20.21 18.33 31.50
C ALA A 501 20.95 18.61 32.82
N ASN A 502 20.54 19.59 33.59
CA ASN A 502 21.17 19.92 34.88
C ASN A 502 20.80 18.91 36.00
N LEU A 503 19.94 17.95 35.74
CA LEU A 503 19.68 16.81 36.66
C LEU A 503 20.55 15.66 36.18
N THR A 504 21.65 15.42 36.90
CA THR A 504 22.69 14.46 36.49
C THR A 504 22.74 13.24 37.38
N THR A 505 22.34 13.33 38.64
CA THR A 505 22.46 12.17 39.54
C THR A 505 21.18 11.35 39.53
N ASP A 506 21.28 10.08 39.89
CA ASP A 506 20.11 9.21 40.04
C ASP A 506 19.11 9.85 40.99
N GLU A 507 19.61 10.42 42.09
CA GLU A 507 18.73 10.99 43.13
C GLU A 507 17.93 12.17 42.52
N GLU A 508 18.62 13.05 41.79
CA GLU A 508 17.98 14.24 41.18
C GLU A 508 16.88 13.78 40.21
N ILE A 509 17.24 12.84 39.35
CA ILE A 509 16.34 12.34 38.29
C ILE A 509 15.12 11.68 38.94
N TYR A 510 15.36 10.74 39.85
CA TYR A 510 14.24 9.95 40.38
C TYR A 510 13.32 10.83 41.24
N ALA A 511 13.86 11.89 41.89
CA ALA A 511 12.95 12.73 42.70
C ALA A 511 11.88 13.36 41.77
N VAL A 512 12.25 13.75 40.55
CA VAL A 512 11.23 14.25 39.58
C VAL A 512 10.36 13.10 39.08
N MET A 513 10.96 11.96 38.82
CA MET A 513 10.14 10.78 38.36
C MET A 513 9.08 10.44 39.42
N ARG A 514 9.44 10.43 40.70
CA ARG A 514 8.50 10.06 41.76
C ARG A 514 7.27 10.97 41.66
N GLU A 515 7.47 12.23 41.25
CA GLU A 515 6.35 13.21 41.18
C GLU A 515 5.56 13.06 39.88
N LEU A 516 6.14 12.52 38.81
CA LEU A 516 5.54 12.54 37.45
C LEU A 516 5.05 11.15 37.00
N ILE A 517 5.66 10.07 37.46
CA ILE A 517 5.25 8.72 36.98
C ILE A 517 3.75 8.57 37.11
N ASN A 518 3.11 8.04 36.05
CA ASN A 518 1.72 7.56 36.14
C ASN A 518 1.81 6.09 36.50
N PRO A 519 1.10 5.61 37.56
CA PRO A 519 1.06 4.19 37.87
C PRO A 519 0.64 3.24 36.74
N SER A 520 -0.08 3.79 35.77
CA SER A 520 -0.88 2.95 34.88
C SER A 520 -0.89 3.46 33.46
N ASN A 521 -0.85 2.52 32.54
CA ASN A 521 -1.22 2.81 31.13
CA ASN A 521 -1.19 2.76 31.12
C ASN A 521 -2.52 2.08 30.79
N ALA A 522 -3.37 1.83 31.79
CA ALA A 522 -4.63 1.07 31.63
C ALA A 522 -4.31 -0.36 31.19
N HIS A 523 -3.22 -0.89 31.72
CA HIS A 523 -2.82 -2.30 31.45
C HIS A 523 -3.05 -3.15 32.69
N GLN A 524 -4.10 -2.91 33.47
CA GLN A 524 -4.28 -3.57 34.77
C GLN A 524 -4.43 -5.06 34.52
N CYS A 525 -3.70 -5.87 35.31
CA CYS A 525 -3.74 -7.33 35.17
C CYS A 525 -3.60 -8.03 36.53
N CYS A 526 -3.78 -9.34 36.45
CA CYS A 526 -3.08 -10.28 37.35
C CYS A 526 -3.72 -10.43 38.73
N THR A 527 -4.96 -9.94 38.87
CA THR A 527 -5.71 -9.91 40.15
C THR A 527 -6.53 -11.20 40.40
N ALA A 528 -6.52 -12.17 39.50
CA ALA A 528 -7.13 -13.50 39.70
C ALA A 528 -6.18 -14.55 39.11
N ALA A 529 -4.94 -14.53 39.62
CA ALA A 529 -3.81 -15.09 38.90
C ALA A 529 -3.91 -16.61 38.70
N MET A 530 -3.41 -17.04 37.56
CA MET A 530 -3.26 -18.44 37.18
C MET A 530 -1.94 -18.94 37.79
N MET A 531 -2.04 -19.42 39.02
CA MET A 531 -0.94 -20.09 39.73
CA MET A 531 -0.94 -20.00 39.82
C MET A 531 -1.56 -21.15 40.60
N PRO A 532 -0.78 -22.16 41.04
CA PRO A 532 -1.28 -23.13 42.00
C PRO A 532 -1.93 -22.43 43.19
N LYS A 533 -2.98 -23.07 43.71
CA LYS A 533 -3.68 -22.50 44.90
C LYS A 533 -2.68 -22.27 46.05
N ASP A 534 -1.74 -23.21 46.27
CA ASP A 534 -0.78 -23.05 47.39
C ASP A 534 0.24 -21.95 47.13
N MET A 535 0.21 -21.36 45.94
CA MET A 535 1.03 -20.17 45.57
CA MET A 535 1.02 -20.18 45.59
C MET A 535 0.14 -18.92 45.48
N GLY A 536 -1.05 -18.95 46.10
CA GLY A 536 -1.93 -17.76 46.10
C GLY A 536 -2.65 -17.58 44.78
N GLY A 537 -2.66 -18.59 43.93
CA GLY A 537 -3.46 -18.55 42.70
C GLY A 537 -4.96 -18.54 42.94
N VAL A 538 -5.66 -18.08 41.93
CA VAL A 538 -7.16 -18.06 41.90
C VAL A 538 -7.67 -19.06 40.88
N VAL A 539 -6.93 -19.28 39.78
CA VAL A 539 -7.35 -20.21 38.73
C VAL A 539 -6.28 -21.22 38.40
N SER A 540 -6.76 -22.35 37.95
CA SER A 540 -5.94 -23.46 37.45
C SER A 540 -5.36 -23.14 36.08
N SER A 541 -4.56 -24.04 35.51
CA SER A 541 -4.03 -23.90 34.13
C SER A 541 -5.13 -23.91 33.08
N GLU A 542 -6.31 -24.43 33.41
CA GLU A 542 -7.46 -24.41 32.49
CA GLU A 542 -7.50 -24.46 32.55
C GLU A 542 -8.38 -23.22 32.86
N GLN A 543 -7.89 -22.32 33.70
CA GLN A 543 -8.54 -21.02 34.04
C GLN A 543 -9.81 -21.24 34.89
N LYS A 544 -9.92 -22.41 35.54
CA LYS A 544 -11.02 -22.70 36.45
C LYS A 544 -10.75 -22.13 37.82
N VAL A 545 -11.71 -21.41 38.38
CA VAL A 545 -11.61 -20.87 39.76
C VAL A 545 -11.56 -22.01 40.76
N TYR A 546 -10.57 -22.00 41.64
CA TYR A 546 -10.42 -23.06 42.66
C TYR A 546 -11.64 -23.10 43.58
N GLY A 547 -12.04 -24.31 43.91
CA GLY A 547 -13.11 -24.55 44.90
C GLY A 547 -14.50 -24.49 44.35
N VAL A 548 -14.65 -24.13 43.08
CA VAL A 548 -15.98 -24.09 42.43
C VAL A 548 -15.93 -24.73 41.06
N GLN A 549 -17.07 -25.25 40.63
CA GLN A 549 -17.22 -25.86 39.30
C GLN A 549 -17.99 -24.92 38.38
N GLY A 550 -17.69 -24.98 37.09
CA GLY A 550 -18.44 -24.21 36.07
C GLY A 550 -18.10 -22.74 36.01
N LEU A 551 -16.93 -22.35 36.55
CA LEU A 551 -16.55 -20.92 36.63
C LEU A 551 -15.11 -20.72 36.20
N ARG A 552 -14.91 -19.88 35.19
CA ARG A 552 -13.56 -19.59 34.69
C ARG A 552 -13.33 -18.09 34.62
N VAL A 553 -12.06 -17.71 34.54
CA VAL A 553 -11.66 -16.30 34.31
C VAL A 553 -10.94 -16.21 32.96
N ALA A 554 -11.47 -15.42 32.04
CA ALA A 554 -10.95 -15.29 30.66
C ALA A 554 -10.12 -14.00 30.49
N ASP A 555 -10.41 -12.94 31.21
CA ASP A 555 -9.72 -11.64 31.03
C ASP A 555 -8.36 -11.65 31.70
N ILE A 556 -7.58 -10.60 31.51
CA ILE A 556 -6.16 -10.64 31.88
C ILE A 556 -5.94 -10.50 33.37
N SER A 557 -6.99 -10.49 34.16
CA SER A 557 -6.92 -10.86 35.60
CA SER A 557 -6.84 -10.80 35.60
C SER A 557 -6.14 -12.16 35.81
N PHE A 558 -6.25 -13.10 34.88
CA PHE A 558 -5.63 -14.43 35.11
C PHE A 558 -4.11 -14.39 34.96
N TRP A 559 -3.55 -13.39 34.32
CA TRP A 559 -2.11 -13.47 34.01
C TRP A 559 -1.29 -13.48 35.30
N PRO A 560 -0.21 -14.29 35.40
CA PRO A 560 0.64 -14.17 36.59
C PRO A 560 1.37 -12.82 36.70
N PHE A 561 1.92 -12.31 35.60
CA PHE A 561 2.67 -11.03 35.62
C PHE A 561 2.72 -10.48 34.19
N GLN A 562 3.10 -9.21 34.16
CA GLN A 562 3.13 -8.37 32.93
C GLN A 562 4.14 -8.89 31.91
N LEU A 563 3.82 -8.65 30.65
CA LEU A 563 4.63 -9.05 29.48
C LEU A 563 5.69 -8.02 29.17
N SER A 564 6.65 -8.48 28.37
CA SER A 564 7.51 -7.56 27.57
CA SER A 564 7.54 -7.59 27.57
C SER A 564 6.71 -7.07 26.39
N GLY A 565 5.83 -6.14 26.65
CA GLY A 565 4.88 -5.66 25.64
C GLY A 565 3.60 -5.25 26.30
N SER A 566 2.73 -4.69 25.51
CA SER A 566 1.38 -4.29 26.00
CA SER A 566 1.36 -4.25 25.89
C SER A 566 0.39 -5.42 25.79
N PRO A 567 -0.74 -5.41 26.53
CA PRO A 567 -1.51 -6.64 26.68
C PRO A 567 -2.40 -7.08 25.51
N MET A 568 -2.82 -6.17 24.64
CA MET A 568 -3.95 -6.49 23.75
C MET A 568 -3.76 -7.76 22.91
N ALA A 569 -2.64 -7.91 22.23
CA ALA A 569 -2.50 -9.08 21.34
C ALA A 569 -2.68 -10.37 22.12
N THR A 570 -2.12 -10.42 23.31
CA THR A 570 -2.22 -11.62 24.15
C THR A 570 -3.62 -11.76 24.75
N ALA A 571 -4.31 -10.65 25.01
CA ALA A 571 -5.72 -10.74 25.47
C ALA A 571 -6.56 -11.46 24.41
N TYR A 572 -6.38 -11.13 23.15
CA TYR A 572 -7.09 -11.84 22.07
C TYR A 572 -6.65 -13.31 22.03
N ALA A 573 -5.33 -13.58 21.96
CA ALA A 573 -4.87 -14.95 21.73
C ALA A 573 -5.18 -15.86 22.91
N GLY A 574 -5.12 -15.31 24.14
CA GLY A 574 -5.46 -16.12 25.32
C GLY A 574 -6.94 -16.50 25.31
N ALA A 575 -7.81 -15.64 24.79
CA ALA A 575 -9.23 -15.96 24.70
C ALA A 575 -9.46 -16.96 23.58
N GLU A 576 -8.70 -16.88 22.48
CA GLU A 576 -8.75 -17.93 21.42
C GLU A 576 -8.38 -19.29 22.04
N ARG A 577 -7.33 -19.32 22.86
CA ARG A 577 -6.86 -20.57 23.49
CA ARG A 577 -6.88 -20.59 23.46
C ARG A 577 -7.95 -21.11 24.42
N LEU A 578 -8.51 -20.25 25.25
CA LEU A 578 -9.51 -20.69 26.24
C LEU A 578 -10.76 -21.19 25.50
N ALA A 579 -11.15 -20.57 24.39
CA ALA A 579 -12.32 -21.09 23.64
C ALA A 579 -12.10 -22.57 23.27
N ASP A 580 -10.91 -22.93 22.81
CA ASP A 580 -10.61 -24.33 22.44
C ASP A 580 -10.62 -25.22 23.70
N VAL A 581 -10.13 -24.74 24.82
CA VAL A 581 -10.14 -25.52 26.09
C VAL A 581 -11.57 -25.84 26.47
N ILE A 582 -12.44 -24.85 26.43
CA ILE A 582 -13.87 -25.01 26.82
C ILE A 582 -14.56 -25.93 25.80
N LYS A 583 -14.36 -25.73 24.52
CA LYS A 583 -14.96 -26.59 23.47
C LYS A 583 -14.56 -28.06 23.73
N LYS A 584 -13.30 -28.31 24.07
CA LYS A 584 -12.81 -29.69 24.27
C LYS A 584 -13.52 -30.32 25.46
N GLU A 585 -13.67 -29.58 26.53
CA GLU A 585 -14.25 -30.16 27.76
C GLU A 585 -15.71 -30.54 27.47
N HIS A 586 -16.44 -29.70 26.74
CA HIS A 586 -17.90 -29.86 26.51
C HIS A 586 -18.27 -30.48 25.17
N ARG A 587 -17.30 -31.06 24.45
CA ARG A 587 -17.55 -31.72 23.14
C ARG A 587 -18.34 -30.78 22.19
N LEU A 588 -17.90 -29.53 21.98
CA LEU A 588 -18.60 -28.54 21.08
C LEU A 588 -17.98 -28.54 19.69
N ALA A 589 -18.77 -28.21 18.66
CA ALA A 589 -18.34 -28.02 17.25
C ALA A 589 -18.08 -26.53 16.97
N ASN B 5 32.87 -10.77 -34.37
CA ASN B 5 31.46 -10.95 -34.73
C ASN B 5 30.61 -11.18 -33.47
N TYR B 6 29.32 -11.04 -33.65
CA TYR B 6 28.30 -11.31 -32.63
C TYR B 6 27.35 -12.36 -33.19
N THR B 7 26.57 -13.00 -32.36
CA THR B 7 25.47 -13.89 -32.83
C THR B 7 24.35 -13.06 -33.47
N PHE B 8 23.97 -11.98 -32.81
CA PHE B 8 22.89 -11.09 -33.27
C PHE B 8 23.36 -9.66 -33.12
N ILE B 9 22.96 -8.82 -34.04
CA ILE B 9 23.11 -7.37 -33.94
C ILE B 9 21.71 -6.77 -33.98
N ILE B 10 21.40 -5.88 -33.03
CA ILE B 10 20.08 -5.23 -32.93
C ILE B 10 20.32 -3.75 -33.14
N ALA B 11 19.62 -3.15 -34.09
CA ALA B 11 19.65 -1.73 -34.39
C ALA B 11 18.57 -1.02 -33.61
N GLY B 12 18.96 -0.33 -32.57
CA GLY B 12 18.00 0.38 -31.70
C GLY B 12 17.85 -0.33 -30.34
N GLY B 13 18.13 0.46 -29.30
CA GLY B 13 18.04 -0.04 -27.93
C GLY B 13 16.85 0.56 -27.22
N GLY B 14 15.70 0.50 -27.83
CA GLY B 14 14.44 0.93 -27.20
C GLY B 14 13.73 -0.22 -26.56
N ILE B 15 12.40 -0.11 -26.43
CA ILE B 15 11.61 -1.14 -25.73
C ILE B 15 11.86 -2.49 -26.40
N SER B 16 11.66 -2.53 -27.71
CA SER B 16 11.69 -3.83 -28.41
C SER B 16 13.11 -4.39 -28.41
N GLY B 17 14.07 -3.52 -28.70
CA GLY B 17 15.47 -3.96 -28.87
C GLY B 17 16.04 -4.52 -27.56
N LEU B 18 15.84 -3.82 -26.44
CA LEU B 18 16.40 -4.30 -25.16
C LEU B 18 15.65 -5.54 -24.70
N THR B 19 14.31 -5.58 -24.86
CA THR B 19 13.58 -6.80 -24.47
C THR B 19 14.17 -8.02 -25.22
N LEU B 20 14.34 -7.88 -26.51
CA LEU B 20 14.88 -8.98 -27.33
C LEU B 20 16.30 -9.33 -26.85
N ALA B 21 17.15 -8.31 -26.70
CA ALA B 21 18.56 -8.59 -26.33
C ALA B 21 18.62 -9.32 -24.98
N ASP B 22 17.83 -8.87 -24.01
CA ASP B 22 17.76 -9.57 -22.70
C ASP B 22 17.43 -11.04 -22.93
N ARG B 23 16.33 -11.32 -23.63
CA ARG B 23 15.92 -12.73 -23.71
C ARG B 23 16.95 -13.56 -24.50
N LEU B 24 17.52 -13.04 -25.57
CA LEU B 24 18.50 -13.81 -26.37
C LEU B 24 19.73 -14.12 -25.52
N THR B 25 20.18 -13.19 -24.66
CA THR B 25 21.42 -13.41 -23.87
C THR B 25 21.17 -14.27 -22.64
N GLU B 26 19.99 -14.81 -22.42
CA GLU B 26 19.75 -15.86 -21.40
C GLU B 26 20.57 -17.10 -21.77
N ASP B 27 20.91 -17.25 -23.04
CA ASP B 27 21.79 -18.34 -23.51
C ASP B 27 23.21 -17.77 -23.48
N PRO B 28 24.13 -18.29 -22.64
CA PRO B 28 25.48 -17.74 -22.53
C PRO B 28 26.29 -17.94 -23.82
N ARG B 29 25.87 -18.85 -24.70
CA ARG B 29 26.52 -19.08 -26.03
C ARG B 29 26.08 -18.04 -27.05
N VAL B 30 25.11 -17.18 -26.73
CA VAL B 30 24.59 -16.20 -27.71
C VAL B 30 25.13 -14.83 -27.32
N THR B 31 25.81 -14.15 -28.22
CA THR B 31 26.27 -12.76 -27.97
C THR B 31 25.39 -11.84 -28.79
N VAL B 32 25.07 -10.71 -28.20
CA VAL B 32 24.24 -9.69 -28.85
C VAL B 32 24.95 -8.35 -28.72
N LEU B 33 24.98 -7.56 -29.80
CA LEU B 33 25.35 -6.16 -29.78
C LEU B 33 24.10 -5.33 -30.08
N VAL B 34 23.71 -4.49 -29.14
CA VAL B 34 22.67 -3.46 -29.35
C VAL B 34 23.38 -2.16 -29.66
N ILE B 35 23.08 -1.59 -30.81
CA ILE B 35 23.59 -0.27 -31.23
C ILE B 35 22.48 0.75 -31.08
N GLU B 36 22.65 1.71 -30.19
CA GLU B 36 21.58 2.65 -29.84
C GLU B 36 22.01 4.07 -30.13
N ALA B 37 21.18 4.83 -30.83
CA ALA B 37 21.45 6.22 -31.25
C ALA B 37 21.75 7.14 -30.06
N GLY B 38 20.97 7.02 -28.99
CA GLY B 38 21.15 7.94 -27.88
C GLY B 38 22.07 7.37 -26.82
N PRO B 39 22.27 8.22 -25.78
CA PRO B 39 23.12 7.82 -24.68
C PRO B 39 22.34 7.03 -23.64
N LEU B 40 23.05 6.55 -22.61
CA LEU B 40 22.43 6.10 -21.35
C LEU B 40 21.87 7.33 -20.61
N ASP B 41 20.64 7.24 -20.07
CA ASP B 41 20.17 8.30 -19.16
C ASP B 41 21.06 8.29 -17.91
N ARG B 42 21.01 9.38 -17.17
CA ARG B 42 21.86 9.58 -15.98
C ARG B 42 21.07 9.35 -14.70
N GLY B 43 19.89 8.75 -14.75
CA GLY B 43 19.08 8.56 -13.53
C GLY B 43 18.60 9.87 -12.96
N GLU B 44 18.44 10.86 -13.81
CA GLU B 44 18.00 12.17 -13.32
C GLU B 44 16.53 12.10 -12.90
N ASP B 45 16.14 13.03 -12.05
CA ASP B 45 14.76 13.07 -11.51
C ASP B 45 13.74 13.17 -12.64
N GLY B 46 14.04 13.92 -13.69
CA GLY B 46 13.09 14.08 -14.78
C GLY B 46 12.76 12.77 -15.48
N ILE B 47 13.61 11.75 -15.31
CA ILE B 47 13.35 10.39 -15.84
C ILE B 47 12.75 9.55 -14.72
N LEU B 48 13.41 9.47 -13.57
CA LEU B 48 13.01 8.44 -12.59
C LEU B 48 11.76 8.82 -11.80
N VAL B 49 11.57 10.08 -11.49
CA VAL B 49 10.50 10.50 -10.54
C VAL B 49 9.27 10.93 -11.32
N PRO B 50 8.10 10.27 -11.17
CA PRO B 50 6.95 10.62 -12.00
C PRO B 50 6.60 12.12 -11.93
N GLY B 51 6.56 12.70 -10.76
CA GLY B 51 6.16 14.10 -10.61
C GLY B 51 7.15 15.09 -11.23
N ALA B 52 8.37 14.67 -11.51
CA ALA B 52 9.41 15.51 -12.12
C ALA B 52 9.48 15.30 -13.64
N PHE B 53 8.55 14.52 -14.21
CA PHE B 53 8.53 14.14 -15.64
C PHE B 53 9.03 15.23 -16.60
N SER B 54 10.13 14.96 -17.31
CA SER B 54 10.76 15.89 -18.28
C SER B 54 11.09 15.17 -19.59
N PRO B 55 10.07 14.83 -20.41
CA PRO B 55 10.33 13.95 -21.56
C PRO B 55 11.30 14.53 -22.61
N TRP B 56 11.39 15.86 -22.69
CA TRP B 56 12.19 16.62 -23.68
C TRP B 56 13.69 16.41 -23.46
N LEU B 57 14.08 15.82 -22.31
CA LEU B 57 15.50 15.49 -22.06
C LEU B 57 16.08 14.65 -23.21
N TYR B 58 15.32 13.77 -23.85
CA TYR B 58 15.94 12.83 -24.83
C TYR B 58 15.09 12.76 -26.13
N PHE B 59 14.45 13.85 -26.49
CA PHE B 59 13.76 13.91 -27.81
C PHE B 59 14.82 13.83 -28.92
N TRP B 60 14.55 13.04 -29.94
CA TRP B 60 15.36 13.02 -31.17
C TRP B 60 15.37 14.43 -31.76
N PRO B 61 16.55 15.05 -32.03
CA PRO B 61 16.56 16.43 -32.44
C PRO B 61 16.28 16.59 -33.95
N GLY B 62 15.72 17.74 -34.34
CA GLY B 62 15.73 18.18 -35.75
C GLY B 62 14.71 17.45 -36.61
N LEU B 63 13.63 16.97 -35.99
CA LEU B 63 12.53 16.35 -36.76
C LEU B 63 11.31 17.26 -36.76
N VAL B 64 10.87 17.63 -37.97
CA VAL B 64 9.68 18.47 -38.20
CA VAL B 64 9.65 18.45 -38.17
C VAL B 64 8.84 17.76 -39.28
N SER B 65 7.55 17.83 -39.17
CA SER B 65 6.68 17.26 -40.21
C SER B 65 6.70 18.14 -41.47
N THR B 66 6.20 17.54 -42.54
CA THR B 66 5.74 18.34 -43.69
C THR B 66 4.53 19.15 -43.27
N PRO B 67 4.13 20.16 -44.06
CA PRO B 67 2.83 20.80 -43.86
C PRO B 67 1.71 19.74 -43.90
N GLN B 68 0.79 19.82 -42.94
CA GLN B 68 -0.27 18.80 -42.79
C GLN B 68 -1.54 19.29 -43.50
N ALA B 69 -1.81 18.66 -44.64
CA ALA B 69 -2.90 19.09 -45.54
C ALA B 69 -4.25 19.02 -44.81
N GLY B 70 -4.42 18.07 -43.89
CA GLY B 70 -5.67 17.90 -43.11
C GLY B 70 -5.78 18.80 -41.89
N LEU B 71 -4.71 19.55 -41.57
CA LEU B 71 -4.66 20.42 -40.35
C LEU B 71 -4.21 21.83 -40.77
N ASN B 72 -4.85 22.37 -41.79
CA ASN B 72 -4.63 23.81 -42.18
C ASN B 72 -3.16 24.04 -42.59
N ASN B 73 -2.50 23.00 -43.11
CA ASN B 73 -1.10 23.04 -43.59
C ASN B 73 -0.12 23.38 -42.45
N ARG B 74 -0.48 23.10 -41.22
CA ARG B 74 0.43 23.28 -40.08
C ARG B 74 1.60 22.31 -40.18
N THR B 75 2.76 22.78 -39.71
CA THR B 75 3.91 21.88 -39.48
CA THR B 75 3.98 21.99 -39.48
C THR B 75 4.05 21.71 -37.97
N VAL B 76 4.46 20.52 -37.57
CA VAL B 76 4.63 20.25 -36.13
C VAL B 76 6.04 19.69 -35.91
N ASP B 77 6.55 19.94 -34.71
CA ASP B 77 7.72 19.20 -34.23
C ASP B 77 7.33 17.73 -34.05
N VAL B 78 8.20 16.86 -34.52
CA VAL B 78 8.04 15.39 -34.41
C VAL B 78 8.78 14.91 -33.15
N ILE B 79 8.07 14.17 -32.30
CA ILE B 79 8.58 13.69 -31.01
C ILE B 79 8.80 12.18 -31.09
N THR B 80 10.03 11.76 -30.84
CA THR B 80 10.36 10.34 -30.65
C THR B 80 11.59 10.25 -29.78
N ALA B 81 11.84 9.12 -29.15
CA ALA B 81 12.97 9.03 -28.21
C ALA B 81 14.32 8.87 -28.95
N GLN B 82 15.37 9.36 -28.30
CA GLN B 82 16.78 9.05 -28.68
C GLN B 82 17.57 8.80 -27.39
N VAL B 83 17.48 7.59 -26.88
CA VAL B 83 18.04 7.26 -25.54
C VAL B 83 17.97 5.76 -25.38
N VAL B 84 18.92 5.18 -24.63
CA VAL B 84 18.77 3.78 -24.24
C VAL B 84 17.46 3.61 -23.45
N GLY B 85 16.66 2.63 -23.86
CA GLY B 85 15.29 2.42 -23.32
C GLY B 85 14.24 3.01 -24.26
N GLY B 86 14.62 3.82 -25.22
CA GLY B 86 13.68 4.36 -26.20
C GLY B 86 12.52 5.08 -25.52
N GLY B 87 11.34 4.88 -26.06
CA GLY B 87 10.18 5.62 -25.58
C GLY B 87 9.85 5.30 -24.12
N SER B 88 10.25 4.14 -23.61
CA SER B 88 9.97 3.83 -22.19
C SER B 88 10.72 4.78 -21.26
N THR B 89 11.84 5.31 -21.70
CA THR B 89 12.67 6.22 -20.83
C THR B 89 11.99 7.56 -20.62
N ILE B 90 11.23 8.03 -21.62
CA ILE B 90 10.66 9.41 -21.62
C ILE B 90 9.14 9.45 -21.79
N ASN B 91 8.46 8.31 -21.78
CA ASN B 91 7.00 8.36 -21.99
C ASN B 91 6.28 8.64 -20.69
N ALA B 92 4.96 8.76 -20.76
CA ALA B 92 4.12 9.07 -19.60
C ALA B 92 3.75 7.82 -18.77
N MET B 93 4.42 6.72 -19.03
CA MET B 93 4.37 5.49 -18.19
C MET B 93 3.01 4.79 -18.24
N VAL B 94 2.16 5.19 -19.18
CA VAL B 94 0.80 4.58 -19.32
C VAL B 94 0.94 3.18 -19.92
N TYR B 95 0.52 2.20 -19.16
CA TYR B 95 0.79 0.77 -19.50
C TYR B 95 -0.55 0.04 -19.69
N LEU B 96 -0.93 -0.12 -20.94
CA LEU B 96 -2.28 -0.64 -21.29
C LEU B 96 -2.14 -1.57 -22.47
N ARG B 97 -2.78 -2.72 -22.40
CA ARG B 97 -2.91 -3.62 -23.55
C ARG B 97 -3.97 -3.11 -24.50
N GLY B 98 -3.91 -3.58 -25.73
CA GLY B 98 -5.01 -3.34 -26.67
C GLY B 98 -6.19 -4.25 -26.38
N ASP B 99 -7.18 -4.19 -27.25
CA ASP B 99 -8.41 -5.02 -27.10
C ASP B 99 -8.24 -6.33 -27.88
N LYS B 100 -9.01 -7.33 -27.49
CA LYS B 100 -8.83 -8.68 -28.08
CA LYS B 100 -8.82 -8.69 -28.08
C LYS B 100 -8.80 -8.59 -29.60
N ASP B 101 -9.78 -7.87 -30.16
CA ASP B 101 -9.91 -7.85 -31.63
C ASP B 101 -8.75 -7.17 -32.33
N ASP B 102 -7.96 -6.33 -31.63
CA ASP B 102 -6.75 -5.78 -32.28
C ASP B 102 -5.89 -6.94 -32.80
N TYR B 103 -5.53 -7.85 -31.89
CA TYR B 103 -4.58 -8.91 -32.21
C TYR B 103 -5.28 -9.96 -33.09
N ASP B 104 -6.54 -10.23 -32.84
CA ASP B 104 -7.30 -11.15 -33.73
C ASP B 104 -7.31 -10.60 -35.16
N SER B 105 -7.47 -9.29 -35.31
CA SER B 105 -7.50 -8.61 -36.62
C SER B 105 -6.14 -8.72 -37.30
N TRP B 106 -5.06 -8.53 -36.54
CA TRP B 106 -3.72 -8.70 -37.14
C TRP B 106 -3.60 -10.13 -37.71
N GLY B 107 -4.08 -11.14 -36.98
CA GLY B 107 -4.06 -12.52 -37.46
C GLY B 107 -4.85 -12.65 -38.76
N ALA B 108 -6.02 -12.04 -38.80
CA ALA B 108 -6.96 -12.22 -39.92
C ALA B 108 -6.45 -11.51 -41.19
N LEU B 109 -5.50 -10.59 -41.08
CA LEU B 109 -4.85 -9.95 -42.24
C LEU B 109 -3.91 -10.92 -42.98
N GLY B 110 -3.71 -12.13 -42.48
CA GLY B 110 -2.84 -13.13 -43.11
C GLY B 110 -1.59 -13.41 -42.31
N ASN B 111 -1.70 -13.37 -40.99
CA ASN B 111 -0.57 -13.59 -40.09
C ASN B 111 -0.86 -14.75 -39.16
N PRO B 112 -0.44 -15.97 -39.53
CA PRO B 112 -0.61 -17.11 -38.63
C PRO B 112 0.11 -16.92 -37.29
N GLY B 113 -0.54 -17.39 -36.23
CA GLY B 113 -0.02 -17.36 -34.86
C GLY B 113 -0.27 -16.04 -34.13
N TRP B 114 -1.07 -15.14 -34.70
CA TRP B 114 -1.40 -13.82 -34.12
C TRP B 114 -2.86 -13.79 -33.68
N SER B 115 -3.10 -13.60 -32.39
CA SER B 115 -4.45 -13.56 -31.80
C SER B 115 -4.32 -12.98 -30.40
N TRP B 116 -5.41 -12.62 -29.77
CA TRP B 116 -5.41 -12.33 -28.32
C TRP B 116 -4.90 -13.56 -27.57
N ASN B 117 -5.44 -14.73 -27.89
CA ASN B 117 -5.07 -15.92 -27.11
C ASN B 117 -3.56 -16.16 -27.20
N SER B 118 -2.94 -15.96 -28.34
CA SER B 118 -1.49 -16.22 -28.50
C SER B 118 -0.66 -15.12 -27.81
N MET B 119 -1.18 -13.91 -27.72
CA MET B 119 -0.46 -12.76 -27.07
C MET B 119 -0.58 -12.87 -25.56
N LEU B 120 -1.70 -13.35 -25.00
CA LEU B 120 -1.93 -13.22 -23.55
C LEU B 120 -0.78 -13.84 -22.74
N PRO B 121 -0.24 -15.03 -23.07
CA PRO B 121 0.86 -15.58 -22.28
C PRO B 121 2.10 -14.67 -22.27
N TYR B 122 2.30 -13.97 -23.37
CA TYR B 122 3.42 -13.02 -23.47
C TYR B 122 3.18 -11.72 -22.73
N PHE B 123 1.97 -11.21 -22.78
CA PHE B 123 1.65 -10.11 -21.83
C PHE B 123 1.97 -10.54 -20.40
N ILE B 124 1.53 -11.70 -19.97
CA ILE B 124 1.74 -12.15 -18.58
C ILE B 124 3.25 -12.35 -18.31
N LYS B 125 3.97 -12.94 -19.26
CA LYS B 125 5.42 -13.19 -19.08
C LYS B 125 6.16 -11.87 -18.91
N SER B 126 5.71 -10.83 -19.58
CA SER B 126 6.47 -9.57 -19.72
C SER B 126 6.65 -8.83 -18.38
N GLU B 127 5.85 -9.13 -17.37
CA GLU B 127 5.58 -8.08 -16.35
C GLU B 127 5.38 -8.68 -14.96
N THR B 128 5.53 -7.79 -13.97
CA THR B 128 5.12 -8.05 -12.59
C THR B 128 4.21 -6.90 -12.13
N PHE B 129 2.97 -7.20 -11.87
CA PHE B 129 1.99 -6.24 -11.32
C PHE B 129 2.12 -6.25 -9.79
N THR B 130 2.27 -5.06 -9.22
CA THR B 130 2.20 -4.89 -7.77
C THR B 130 0.88 -4.23 -7.42
N PRO B 131 0.01 -4.88 -6.64
CA PRO B 131 -1.26 -4.26 -6.28
C PRO B 131 -1.05 -2.99 -5.47
N PRO B 132 -2.03 -2.07 -5.58
CA PRO B 132 -2.07 -0.90 -4.69
C PRO B 132 -2.47 -1.35 -3.28
N SER B 133 -2.30 -0.45 -2.33
CA SER B 133 -2.74 -0.68 -0.95
CA SER B 133 -2.75 -0.67 -0.96
C SER B 133 -4.26 -0.84 -0.93
N PRO B 134 -4.77 -1.63 0.01
CA PRO B 134 -6.21 -1.87 0.07
C PRO B 134 -7.03 -0.60 0.25
N GLU B 135 -6.50 0.37 1.02
CA GLU B 135 -7.28 1.59 1.31
C GLU B 135 -7.38 2.42 0.03
N LEU B 136 -6.31 2.45 -0.77
CA LEU B 136 -6.33 3.24 -2.00
C LEU B 136 -7.20 2.52 -3.01
N ALA B 137 -7.18 1.20 -3.08
CA ALA B 137 -8.07 0.49 -4.02
C ALA B 137 -9.52 0.80 -3.68
N ALA B 138 -9.87 0.74 -2.41
CA ALA B 138 -11.29 0.99 -1.99
C ALA B 138 -11.67 2.45 -2.22
N ALA B 139 -10.84 3.39 -1.81
CA ALA B 139 -11.20 4.81 -1.92
C ALA B 139 -11.18 5.23 -3.39
N GLY B 140 -10.27 4.69 -4.17
CA GLY B 140 -10.03 5.14 -5.55
C GLY B 140 -10.89 4.43 -6.57
N ASN B 141 -11.51 3.33 -6.21
CA ASN B 141 -12.23 2.44 -7.18
C ASN B 141 -11.22 1.80 -8.14
N ILE B 142 -10.15 1.28 -7.56
CA ILE B 142 -9.13 0.54 -8.32
C ILE B 142 -9.52 -0.93 -8.31
N THR B 143 -9.67 -1.54 -9.47
CA THR B 143 -9.95 -2.97 -9.60
C THR B 143 -9.03 -3.58 -10.62
N TRP B 144 -8.90 -4.90 -10.54
CA TRP B 144 -8.08 -5.63 -11.51
C TRP B 144 -8.49 -7.11 -11.42
N ASP B 145 -8.03 -7.86 -12.40
CA ASP B 145 -8.21 -9.31 -12.46
C ASP B 145 -6.81 -9.94 -12.37
N GLY B 146 -6.46 -10.40 -11.18
CA GLY B 146 -5.12 -10.95 -10.94
C GLY B 146 -4.80 -12.16 -11.81
N SER B 147 -5.81 -12.86 -12.35
CA SER B 147 -5.56 -14.05 -13.18
C SER B 147 -4.93 -13.68 -14.52
N ILE B 148 -5.05 -12.43 -14.97
CA ILE B 148 -4.48 -12.06 -16.30
C ILE B 148 -3.39 -11.00 -16.22
N ARG B 149 -2.91 -10.70 -15.03
CA ARG B 149 -1.76 -9.78 -14.88
C ARG B 149 -0.55 -10.62 -14.45
N GLY B 150 0.60 -10.34 -15.02
CA GLY B 150 1.81 -11.11 -14.66
C GLY B 150 2.30 -10.84 -13.25
N ARG B 151 2.98 -11.83 -12.69
CA ARG B 151 3.53 -11.72 -11.33
C ARG B 151 5.03 -12.00 -11.28
N SER B 152 5.68 -12.34 -12.37
CA SER B 152 7.09 -12.82 -12.35
CA SER B 152 7.11 -12.72 -12.25
C SER B 152 7.98 -12.15 -13.38
N GLY B 153 7.42 -11.35 -14.28
CA GLY B 153 8.20 -10.82 -15.38
C GLY B 153 8.86 -9.50 -15.04
N PRO B 154 9.73 -9.04 -15.95
CA PRO B 154 10.68 -7.97 -15.58
C PRO B 154 10.09 -6.56 -15.52
N VAL B 155 9.06 -6.27 -16.30
CA VAL B 155 8.48 -4.91 -16.28
C VAL B 155 7.63 -4.74 -15.04
N ASN B 156 8.04 -3.86 -14.14
CA ASN B 156 7.21 -3.57 -12.96
C ASN B 156 6.13 -2.55 -13.32
N TYR B 157 4.91 -2.84 -12.90
CA TYR B 157 3.84 -1.86 -13.05
C TYR B 157 2.92 -1.93 -11.86
N SER B 158 2.27 -0.79 -11.60
CA SER B 158 1.41 -0.61 -10.41
C SER B 158 0.58 0.63 -10.66
N TYR B 159 0.30 1.37 -9.60
CA TYR B 159 -0.41 2.64 -9.67
C TYR B 159 0.31 3.65 -8.78
N PRO B 160 0.11 4.97 -9.01
CA PRO B 160 0.46 5.97 -7.99
C PRO B 160 -0.20 5.60 -6.67
N ASN B 161 0.30 6.17 -5.56
CA ASN B 161 -0.24 5.87 -4.21
C ASN B 161 -1.09 7.02 -3.68
N TYR B 162 -1.60 7.85 -4.60
CA TYR B 162 -2.35 9.07 -4.27
C TYR B 162 -3.22 9.37 -5.46
N PHE B 163 -4.33 10.07 -5.21
CA PHE B 163 -5.11 10.70 -6.30
C PHE B 163 -5.49 12.10 -5.88
N PHE B 164 -5.55 12.99 -6.86
CA PHE B 164 -6.06 14.35 -6.62
C PHE B 164 -7.55 14.23 -6.38
N PRO B 165 -8.14 15.06 -5.49
CA PRO B 165 -9.55 14.93 -5.17
C PRO B 165 -10.50 15.13 -6.36
N GLY B 166 -10.15 16.01 -7.29
CA GLY B 166 -11.02 16.28 -8.46
C GLY B 166 -11.18 15.07 -9.36
N SER B 167 -10.27 14.08 -9.27
CA SER B 167 -10.42 12.86 -10.08
C SER B 167 -11.70 12.12 -9.69
N GLU B 168 -12.16 12.28 -8.46
CA GLU B 168 -13.42 11.65 -8.00
C GLU B 168 -14.62 12.29 -8.71
N ASN B 169 -14.62 13.62 -8.81
CA ASN B 169 -15.69 14.32 -9.58
C ASN B 169 -15.73 13.81 -11.01
N TRP B 170 -14.56 13.64 -11.62
CA TRP B 170 -14.47 13.24 -13.05
C TRP B 170 -14.96 11.81 -13.19
N TRP B 171 -14.56 10.90 -12.29
CA TRP B 171 -15.03 9.51 -12.33
C TRP B 171 -16.55 9.47 -12.28
N ASN B 172 -17.12 10.17 -11.33
CA ASN B 172 -18.59 10.12 -11.14
C ASN B 172 -19.31 10.77 -12.33
N ALA B 173 -18.75 11.83 -12.88
CA ALA B 173 -19.34 12.48 -14.08
C ALA B 173 -19.29 11.51 -15.27
N ALA B 174 -18.16 10.82 -15.44
CA ALA B 174 -18.03 9.86 -16.56
C ALA B 174 -19.08 8.76 -16.40
N ASN B 175 -19.27 8.25 -15.18
CA ASN B 175 -20.32 7.22 -14.95
C ASN B 175 -21.68 7.82 -15.30
N GLU B 176 -21.91 9.10 -14.99
CA GLU B 176 -23.23 9.74 -15.24
C GLU B 176 -23.54 9.86 -16.72
N VAL B 177 -22.53 9.78 -17.59
CA VAL B 177 -22.72 9.91 -19.07
C VAL B 177 -22.29 8.64 -19.77
N GLY B 178 -22.45 7.50 -19.10
CA GLY B 178 -22.39 6.24 -19.84
C GLY B 178 -21.01 5.61 -19.98
N LEU B 179 -20.06 6.02 -19.16
CA LEU B 179 -18.70 5.40 -19.12
C LEU B 179 -18.57 4.74 -17.75
N PRO B 180 -18.92 3.46 -17.65
CA PRO B 180 -18.98 2.80 -16.34
C PRO B 180 -17.61 2.29 -15.91
N PRO B 181 -17.46 1.89 -14.63
CA PRO B 181 -16.21 1.28 -14.21
C PRO B 181 -15.90 0.02 -15.00
N VAL B 182 -14.64 -0.12 -15.39
CA VAL B 182 -14.10 -1.33 -16.08
C VAL B 182 -13.38 -2.18 -15.04
N LYS B 183 -13.76 -3.45 -14.97
CA LYS B 183 -13.12 -4.34 -13.95
C LYS B 183 -11.62 -4.37 -14.18
N ASP B 184 -11.18 -4.64 -15.41
CA ASP B 184 -9.73 -4.68 -15.70
C ASP B 184 -9.51 -4.31 -17.15
N PRO B 185 -8.93 -3.13 -17.44
CA PRO B 185 -8.69 -2.77 -18.83
C PRO B 185 -7.62 -3.61 -19.54
N MET B 186 -6.93 -4.46 -18.80
CA MET B 186 -5.91 -5.41 -19.31
C MET B 186 -6.57 -6.72 -19.77
N ALA B 187 -7.89 -6.87 -19.58
CA ALA B 187 -8.58 -8.15 -19.87
C ALA B 187 -9.06 -8.25 -21.32
N GLY B 188 -8.69 -7.32 -22.20
CA GLY B 188 -9.04 -7.38 -23.62
C GLY B 188 -10.23 -6.51 -23.99
N SER B 189 -10.78 -5.77 -23.04
CA SER B 189 -11.82 -4.77 -23.32
C SER B 189 -11.65 -3.67 -22.26
N LYS B 190 -12.13 -2.49 -22.56
CA LYS B 190 -11.90 -1.32 -21.67
C LYS B 190 -12.96 -0.25 -21.86
N GLN B 191 -14.20 -0.65 -21.90
CA GLN B 191 -15.32 0.27 -22.19
C GLN B 191 -15.77 0.98 -20.93
N GLY B 192 -15.23 2.17 -20.71
CA GLY B 192 -15.59 2.98 -19.56
C GLY B 192 -14.35 3.55 -18.91
N VAL B 193 -14.44 3.70 -17.59
CA VAL B 193 -13.35 4.38 -16.83
C VAL B 193 -12.62 3.39 -15.94
N PHE B 194 -11.37 3.71 -15.67
CA PHE B 194 -10.50 2.81 -14.91
C PHE B 194 -9.27 3.60 -14.48
N TRP B 195 -8.57 3.10 -13.47
CA TRP B 195 -7.23 3.66 -13.12
C TRP B 195 -6.23 3.29 -14.21
N ILE B 196 -5.40 4.23 -14.54
CA ILE B 196 -4.27 4.05 -15.47
C ILE B 196 -3.20 3.17 -14.83
N PRO B 197 -2.92 1.97 -15.35
CA PRO B 197 -1.75 1.24 -14.88
C PRO B 197 -0.51 2.01 -15.33
N SER B 198 0.47 2.07 -14.42
CA SER B 198 1.67 2.88 -14.64
C SER B 198 2.92 2.00 -14.50
N ALA B 199 3.85 2.14 -15.43
CA ALA B 199 5.10 1.38 -15.45
C ALA B 199 6.08 1.95 -14.41
N ILE B 200 5.70 1.82 -13.16
CA ILE B 200 6.42 2.28 -11.97
C ILE B 200 6.78 1.08 -11.11
N ASP B 201 7.99 1.10 -10.59
CA ASP B 201 8.48 0.15 -9.59
C ASP B 201 8.01 0.64 -8.21
N ALA B 202 7.05 -0.01 -7.59
CA ALA B 202 6.43 0.43 -6.34
C ALA B 202 7.41 0.38 -5.17
N ARG B 203 8.53 -0.30 -5.27
CA ARG B 203 9.41 -0.30 -4.10
C ARG B 203 10.06 1.06 -3.91
N THR B 204 10.35 1.75 -5.01
CA THR B 204 11.04 3.07 -4.97
C THR B 204 10.18 4.17 -5.55
N MET B 205 9.01 3.83 -6.10
CA MET B 205 8.13 4.77 -6.82
CA MET B 205 8.15 4.81 -6.79
C MET B 205 8.94 5.52 -7.88
N THR B 206 9.64 4.74 -8.70
CA THR B 206 10.42 5.26 -9.83
C THR B 206 10.03 4.51 -11.10
N ARG B 207 10.27 5.17 -12.22
CA ARG B 207 10.04 4.59 -13.56
C ARG B 207 10.71 3.24 -13.72
N SER B 208 9.95 2.26 -14.21
CA SER B 208 10.48 0.97 -14.66
C SER B 208 10.60 0.96 -16.16
N HIS B 209 11.62 1.63 -16.68
CA HIS B 209 11.84 1.70 -18.13
C HIS B 209 12.74 0.54 -18.60
N ALA B 210 12.83 0.36 -19.90
CA ALA B 210 13.47 -0.84 -20.47
C ALA B 210 14.98 -0.83 -20.17
N ARG B 211 15.56 0.35 -20.07
CA ARG B 211 16.97 0.51 -19.60
CA ARG B 211 16.99 0.43 -19.66
C ARG B 211 17.18 -0.28 -18.30
N ARG B 212 16.23 -0.19 -17.38
CA ARG B 212 16.31 -0.85 -16.07
C ARG B 212 15.89 -2.30 -16.18
N ASN B 213 14.69 -2.56 -16.70
CA ASN B 213 14.06 -3.89 -16.53
C ASN B 213 14.57 -4.89 -17.59
N HIS B 214 15.24 -4.43 -18.65
CA HIS B 214 15.74 -5.36 -19.67
C HIS B 214 17.19 -5.05 -20.02
N TYR B 215 17.89 -4.25 -19.22
CA TYR B 215 19.35 -4.06 -19.43
C TYR B 215 20.03 -4.04 -18.07
N ASP B 216 19.77 -3.04 -17.22
CA ASP B 216 20.48 -2.98 -15.92
C ASP B 216 20.28 -4.29 -15.16
N ARG B 217 19.08 -4.84 -15.17
CA ARG B 217 18.71 -6.06 -14.44
C ARG B 217 19.65 -7.23 -14.79
N VAL B 218 20.19 -7.23 -15.99
CA VAL B 218 20.96 -8.37 -16.56
C VAL B 218 22.32 -7.90 -17.07
N SER B 219 22.80 -6.73 -16.62
CA SER B 219 24.01 -6.09 -17.18
C SER B 219 25.30 -6.77 -16.69
N SER B 220 25.19 -7.72 -15.77
CA SER B 220 26.39 -8.52 -15.40
C SER B 220 26.75 -9.46 -16.56
N ARG B 221 25.85 -9.73 -17.50
CA ARG B 221 26.13 -10.69 -18.60
C ARG B 221 27.18 -10.11 -19.55
N PRO B 222 28.33 -10.82 -19.74
CA PRO B 222 29.34 -10.34 -20.68
C PRO B 222 28.93 -10.48 -22.15
N ASN B 223 27.91 -11.31 -22.41
CA ASN B 223 27.42 -11.58 -23.79
C ASN B 223 26.36 -10.58 -24.25
N TYR B 224 25.95 -9.68 -23.36
CA TYR B 224 24.98 -8.61 -23.68
C TYR B 224 25.74 -7.30 -23.83
N HIS B 225 26.06 -6.95 -25.06
CA HIS B 225 26.87 -5.75 -25.40
C HIS B 225 25.95 -4.62 -25.81
N ILE B 226 26.26 -3.43 -25.36
CA ILE B 226 25.56 -2.20 -25.79
CA ILE B 226 25.57 -2.22 -25.84
C ILE B 226 26.57 -1.14 -26.28
N LEU B 227 26.20 -0.40 -27.31
CA LEU B 227 26.98 0.69 -27.89
C LEU B 227 26.07 1.89 -28.01
N PRO B 228 25.98 2.74 -26.96
CA PRO B 228 25.18 3.95 -27.00
C PRO B 228 25.83 4.96 -27.94
N SER B 229 25.06 5.98 -28.31
CA SER B 229 25.50 7.16 -29.08
C SER B 229 26.06 6.77 -30.45
N HIS B 230 25.54 5.70 -31.06
CA HIS B 230 25.90 5.30 -32.43
C HIS B 230 24.65 4.94 -33.22
N LEU B 231 24.70 5.25 -34.51
CA LEU B 231 23.58 5.02 -35.46
C LEU B 231 23.93 3.89 -36.40
N VAL B 232 23.01 2.94 -36.54
CA VAL B 232 23.06 1.99 -37.66
C VAL B 232 22.70 2.75 -38.95
N SER B 233 23.63 2.80 -39.89
CA SER B 233 23.50 3.62 -41.11
C SER B 233 23.13 2.74 -42.32
N LYS B 234 23.34 1.44 -42.23
CA LYS B 234 23.18 0.55 -43.39
C LYS B 234 23.25 -0.88 -42.92
N ILE B 235 22.47 -1.74 -43.54
CA ILE B 235 22.58 -3.21 -43.41
C ILE B 235 23.54 -3.70 -44.51
N LEU B 236 24.38 -4.68 -44.13
CA LEU B 236 25.36 -5.31 -45.03
C LEU B 236 24.83 -6.67 -45.45
N PHE B 237 25.08 -7.02 -46.70
CA PHE B 237 24.56 -8.25 -47.32
C PHE B 237 25.69 -9.04 -48.00
N ARG B 238 25.52 -10.36 -47.97
CA ARG B 238 26.12 -11.31 -48.92
C ARG B 238 24.96 -11.86 -49.76
N GLY B 239 24.87 -11.40 -51.01
CA GLY B 239 23.69 -11.65 -51.84
C GLY B 239 22.46 -11.07 -51.15
N LYS B 240 21.52 -11.94 -50.75
CA LYS B 240 20.23 -11.55 -50.10
C LYS B 240 20.29 -11.92 -48.61
N GLN B 241 21.44 -12.41 -48.13
CA GLN B 241 21.63 -12.71 -46.68
C GLN B 241 22.15 -11.48 -45.94
N ALA B 242 21.39 -11.00 -44.96
CA ALA B 242 21.85 -9.91 -44.05
C ALA B 242 22.95 -10.46 -43.14
N ILE B 243 24.14 -9.90 -43.20
CA ILE B 243 25.30 -10.45 -42.44
C ILE B 243 25.87 -9.45 -41.43
N GLY B 244 25.49 -8.18 -41.48
CA GLY B 244 26.13 -7.15 -40.63
C GLY B 244 25.48 -5.80 -40.79
N VAL B 245 25.99 -4.78 -40.13
CA VAL B 245 25.58 -3.37 -40.30
C VAL B 245 26.82 -2.49 -40.36
N SER B 246 26.65 -1.32 -40.92
CA SER B 246 27.54 -0.14 -40.78
C SER B 246 26.99 0.76 -39.66
N TYR B 247 27.86 1.31 -38.84
CA TYR B 247 27.44 2.29 -37.83
C TYR B 247 28.39 3.47 -37.83
N ILE B 248 27.89 4.61 -37.37
CA ILE B 248 28.58 5.90 -37.33
C ILE B 248 28.24 6.51 -35.98
N PRO B 249 29.08 7.39 -35.45
CA PRO B 249 28.68 8.13 -34.26
C PRO B 249 27.43 8.96 -34.55
N THR B 250 26.51 9.07 -33.58
CA THR B 250 25.29 9.87 -33.80
C THR B 250 25.64 11.32 -34.10
N SER B 251 26.72 11.85 -33.51
CA SER B 251 27.18 13.27 -33.59
C SER B 251 27.79 13.57 -34.96
N GLY B 252 27.95 12.56 -35.82
CA GLY B 252 28.29 12.82 -37.23
C GLY B 252 29.75 13.11 -37.47
N GLY B 253 30.66 12.36 -36.85
CA GLY B 253 32.05 12.29 -37.33
C GLY B 253 32.06 11.62 -38.68
N ASN B 254 33.12 11.76 -39.43
CA ASN B 254 33.24 11.16 -40.78
C ASN B 254 34.02 9.86 -40.64
N THR B 255 33.48 8.94 -39.85
CA THR B 255 33.99 7.59 -39.53
C THR B 255 32.84 6.57 -39.67
N THR B 256 33.07 5.42 -40.32
CA THR B 256 32.07 4.34 -40.51
C THR B 256 32.72 3.00 -40.19
N THR B 257 32.03 2.17 -39.44
CA THR B 257 32.50 0.90 -38.91
C THR B 257 31.53 -0.21 -39.31
N ASN B 258 32.06 -1.33 -39.76
CA ASN B 258 31.27 -2.54 -40.12
C ASN B 258 31.40 -3.59 -39.05
N VAL B 259 30.29 -4.16 -38.62
CA VAL B 259 30.26 -5.24 -37.64
C VAL B 259 29.29 -6.30 -38.15
N TYR B 260 29.55 -7.56 -37.82
CA TYR B 260 28.94 -8.75 -38.45
C TYR B 260 28.29 -9.67 -37.42
N ALA B 261 27.18 -10.28 -37.84
CA ALA B 261 26.42 -11.25 -37.02
C ALA B 261 26.43 -12.61 -37.69
N SER B 262 26.53 -13.68 -36.90
CA SER B 262 26.57 -15.06 -37.40
C SER B 262 25.16 -15.56 -37.68
N LYS B 263 24.15 -15.02 -36.99
CA LYS B 263 22.76 -15.52 -37.19
C LYS B 263 21.86 -14.46 -37.79
N GLU B 264 21.55 -13.37 -37.10
CA GLU B 264 20.58 -12.42 -37.70
C GLU B 264 20.90 -10.97 -37.34
N ILE B 265 20.38 -10.08 -38.18
CA ILE B 265 20.22 -8.63 -37.92
C ILE B 265 18.78 -8.37 -37.53
N THR B 266 18.55 -7.67 -36.42
CA THR B 266 17.19 -7.28 -36.00
C THR B 266 17.09 -5.76 -36.05
N LEU B 267 16.10 -5.20 -36.75
CA LEU B 267 15.83 -3.78 -36.66
C LEU B 267 14.84 -3.55 -35.51
N ALA B 268 15.20 -2.58 -34.68
CA ALA B 268 14.39 -2.18 -33.51
C ALA B 268 14.49 -0.67 -33.37
N ALA B 269 14.51 0.07 -34.48
CA ALA B 269 14.83 1.52 -34.53
C ALA B 269 13.57 2.41 -34.53
N GLY B 270 12.41 1.79 -34.34
CA GLY B 270 11.14 2.50 -34.19
C GLY B 270 10.47 2.79 -35.49
N GLY B 271 9.25 3.31 -35.38
CA GLY B 271 8.42 3.67 -36.54
C GLY B 271 9.09 4.65 -37.47
N LEU B 272 9.89 5.56 -36.94
CA LEU B 272 10.57 6.61 -37.77
C LEU B 272 12.02 6.26 -38.08
N GLY B 273 12.54 5.18 -37.52
CA GLY B 273 13.95 4.83 -37.70
C GLY B 273 14.14 3.57 -38.52
N THR B 274 13.32 2.56 -38.35
CA THR B 274 13.46 1.26 -39.06
C THR B 274 13.28 1.47 -40.57
N PRO B 275 12.25 2.21 -41.06
CA PRO B 275 12.08 2.34 -42.51
C PRO B 275 13.29 3.05 -43.15
N LYS B 276 13.91 3.94 -42.43
CA LYS B 276 15.09 4.67 -42.94
C LYS B 276 16.25 3.70 -43.08
N ILE B 277 16.48 2.83 -42.09
CA ILE B 277 17.60 1.85 -42.21
C ILE B 277 17.30 1.02 -43.48
N LEU B 278 16.08 0.53 -43.63
CA LEU B 278 15.70 -0.35 -44.77
C LEU B 278 15.93 0.40 -46.08
N GLN B 279 15.44 1.62 -46.20
CA GLN B 279 15.48 2.35 -47.49
C GLN B 279 16.97 2.65 -47.82
N LEU B 280 17.79 3.03 -46.85
CA LEU B 280 19.23 3.31 -47.11
C LEU B 280 19.93 2.03 -47.55
N SER B 281 19.46 0.86 -47.13
CA SER B 281 20.03 -0.49 -47.39
C SER B 281 19.52 -1.09 -48.71
N GLY B 282 18.66 -0.34 -49.43
CA GLY B 282 18.14 -0.84 -50.71
C GLY B 282 16.92 -1.74 -50.53
N ILE B 283 16.22 -1.61 -49.40
CA ILE B 283 14.97 -2.37 -49.15
C ILE B 283 13.86 -1.34 -49.02
N GLY B 284 13.03 -1.26 -50.04
CA GLY B 284 12.06 -0.17 -50.10
C GLY B 284 11.48 -0.01 -51.50
N PRO B 285 10.75 1.09 -51.74
CA PRO B 285 10.07 1.28 -53.01
C PRO B 285 11.15 1.58 -54.07
N ARG B 286 11.11 0.87 -55.18
CA ARG B 286 12.13 1.12 -56.24
C ARG B 286 12.05 2.58 -56.75
N LYS B 287 10.89 3.24 -56.77
CA LYS B 287 10.80 4.63 -57.32
C LYS B 287 11.71 5.53 -56.48
N LEU B 288 11.56 5.44 -55.15
CA LEU B 288 12.36 6.27 -54.21
C LEU B 288 13.85 5.88 -54.33
N LEU B 289 14.14 4.58 -54.30
CA LEU B 289 15.53 4.06 -54.26
C LEU B 289 16.20 4.43 -55.61
N ASN B 290 15.48 4.33 -56.72
CA ASN B 290 16.06 4.74 -58.03
C ASN B 290 16.34 6.23 -58.05
N GLU B 291 15.40 7.05 -57.58
CA GLU B 291 15.54 8.52 -57.60
C GLU B 291 16.83 8.91 -56.87
N LEU B 292 17.20 8.18 -55.81
CA LEU B 292 18.39 8.51 -54.97
C LEU B 292 19.63 7.69 -55.36
N GLY B 293 19.53 6.76 -56.31
CA GLY B 293 20.69 5.99 -56.80
C GLY B 293 21.08 4.89 -55.84
N ILE B 294 20.13 4.45 -55.02
CA ILE B 294 20.37 3.32 -54.10
C ILE B 294 20.07 2.02 -54.83
N PRO B 295 21.03 1.08 -54.96
CA PRO B 295 20.73 -0.20 -55.61
C PRO B 295 19.60 -0.91 -54.87
N VAL B 296 18.67 -1.51 -55.61
CA VAL B 296 17.51 -2.22 -55.03
C VAL B 296 17.87 -3.66 -54.67
N ILE B 297 17.86 -3.98 -53.37
CA ILE B 297 18.06 -5.36 -52.82
C ILE B 297 16.71 -6.09 -52.74
N SER B 298 15.69 -5.38 -52.26
CA SER B 298 14.30 -5.93 -52.21
C SER B 298 13.31 -4.77 -52.42
N ASP B 299 12.57 -4.84 -53.52
CA ASP B 299 11.60 -3.82 -53.92
C ASP B 299 10.30 -4.04 -53.13
N LEU B 300 10.19 -3.31 -52.02
CA LEU B 300 9.03 -3.38 -51.08
C LEU B 300 8.40 -2.01 -50.99
N PRO B 301 7.31 -1.78 -51.77
CA PRO B 301 6.68 -0.46 -51.75
C PRO B 301 6.02 -0.07 -50.41
N GLY B 302 5.88 -1.03 -49.53
CA GLY B 302 5.30 -0.78 -48.19
C GLY B 302 6.25 -0.10 -47.24
N VAL B 303 7.56 -0.11 -47.50
CA VAL B 303 8.51 0.49 -46.52
C VAL B 303 8.32 1.99 -46.48
N GLY B 304 7.95 2.52 -45.30
CA GLY B 304 7.71 3.96 -45.10
C GLY B 304 6.26 4.36 -45.38
N GLN B 305 5.48 3.43 -45.93
CA GLN B 305 4.04 3.68 -46.08
C GLN B 305 3.35 3.37 -44.75
N ASN B 306 2.06 3.72 -44.70
CA ASN B 306 1.15 3.18 -43.67
C ASN B 306 1.45 3.78 -42.29
N LEU B 307 2.17 4.90 -42.23
CA LEU B 307 2.47 5.56 -40.95
C LEU B 307 1.17 5.87 -40.24
N GLN B 308 1.11 5.52 -38.96
CA GLN B 308 -0.01 5.90 -38.10
C GLN B 308 0.52 6.46 -36.77
N ASP B 309 -0.32 7.24 -36.16
CA ASP B 309 -0.10 7.75 -34.79
C ASP B 309 -1.50 7.84 -34.16
N GLN B 310 -1.58 8.35 -32.96
CA GLN B 310 -2.85 8.56 -32.25
C GLN B 310 -2.93 10.03 -31.93
N PRO B 311 -3.67 10.80 -32.74
CA PRO B 311 -3.76 12.24 -32.53
C PRO B 311 -4.30 12.62 -31.15
N THR B 312 -3.88 13.81 -30.74
CA THR B 312 -4.31 14.35 -29.44
C THR B 312 -4.92 15.74 -29.59
N LEU B 313 -5.79 16.05 -28.66
CA LEU B 313 -6.44 17.35 -28.60
C LEU B 313 -6.44 17.78 -27.15
N THR B 314 -5.91 18.98 -26.86
CA THR B 314 -5.90 19.56 -25.53
C THR B 314 -6.98 20.64 -25.49
N ILE B 315 -7.95 20.50 -24.63
CA ILE B 315 -9.10 21.40 -24.46
C ILE B 315 -8.86 22.19 -23.19
N PRO B 316 -8.72 23.53 -23.28
CA PRO B 316 -8.53 24.37 -22.11
C PRO B 316 -9.86 24.66 -21.39
N TYR B 317 -9.78 24.81 -20.08
CA TYR B 317 -10.91 25.11 -19.16
C TYR B 317 -10.50 26.21 -18.17
N THR B 318 -11.52 26.93 -17.70
CA THR B 318 -11.40 27.66 -16.43
C THR B 318 -12.50 27.08 -15.52
N PHE B 319 -12.35 27.36 -14.26
CA PHE B 319 -13.25 26.86 -13.22
C PHE B 319 -13.55 27.95 -12.21
N THR B 320 -14.81 28.03 -11.82
CA THR B 320 -15.15 28.93 -10.70
C THR B 320 -14.92 28.29 -9.36
N ASN B 321 -14.81 26.98 -9.29
CA ASN B 321 -14.80 26.30 -7.98
C ASN B 321 -13.98 25.01 -8.06
N ASN B 322 -12.84 25.02 -8.71
CA ASN B 322 -12.01 23.80 -8.73
C ASN B 322 -11.56 23.49 -7.29
N VAL B 323 -11.35 22.21 -7.01
CA VAL B 323 -10.88 21.75 -5.70
C VAL B 323 -9.35 21.78 -5.61
N PHE B 324 -8.88 22.12 -4.40
CA PHE B 324 -7.44 22.11 -4.03
C PHE B 324 -7.18 20.84 -3.25
N PRO B 325 -6.04 20.18 -3.43
CA PRO B 325 -5.05 20.45 -4.48
C PRO B 325 -5.45 19.77 -5.80
N ASN B 326 -4.78 20.22 -6.87
CA ASN B 326 -4.94 19.62 -8.21
C ASN B 326 -3.59 19.65 -8.91
N THR B 327 -3.49 19.12 -10.12
CA THR B 327 -2.18 19.03 -10.79
C THR B 327 -1.58 20.43 -10.93
N ASP B 328 -2.42 21.42 -11.23
CA ASP B 328 -1.85 22.77 -11.46
C ASP B 328 -1.27 23.37 -10.18
N SER B 329 -1.69 22.90 -9.01
CA SER B 329 -1.09 23.36 -7.74
C SER B 329 0.42 23.10 -7.73
N LEU B 330 0.89 22.05 -8.39
CA LEU B 330 2.34 21.73 -8.37
C LEU B 330 3.08 22.85 -9.10
N THR B 331 2.48 23.42 -10.14
CA THR B 331 3.23 24.40 -10.97
CA THR B 331 3.13 24.43 -11.03
C THR B 331 3.08 25.81 -10.37
N THR B 332 1.90 26.17 -9.85
CA THR B 332 1.66 27.57 -9.43
C THR B 332 1.86 27.79 -7.93
N ASN B 333 1.93 26.74 -7.13
CA ASN B 333 2.04 26.87 -5.66
C ASN B 333 3.35 26.26 -5.21
N ALA B 334 4.37 27.08 -5.02
CA ALA B 334 5.71 26.55 -4.69
C ALA B 334 5.65 25.85 -3.35
N THR B 335 4.80 26.31 -2.43
CA THR B 335 4.69 25.73 -1.09
C THR B 335 4.11 24.32 -1.19
N TYR B 336 3.06 24.15 -1.98
CA TYR B 336 2.46 22.82 -2.19
C TYR B 336 3.47 21.92 -2.89
N ASN B 337 4.11 22.42 -3.92
CA ASN B 337 5.13 21.66 -4.66
C ASN B 337 6.24 21.19 -3.70
N ALA B 338 6.81 22.12 -2.92
CA ALA B 338 7.94 21.76 -2.02
C ALA B 338 7.44 20.72 -1.02
N GLU B 339 6.25 20.91 -0.47
CA GLU B 339 5.72 19.97 0.55
C GLU B 339 5.49 18.60 -0.07
N GLN B 340 5.00 18.54 -1.29
CA GLN B 340 4.76 17.23 -1.93
C GLN B 340 6.11 16.60 -2.26
N ARG B 341 7.12 17.38 -2.70
CA ARG B 341 8.44 16.80 -2.99
C ARG B 341 9.04 16.28 -1.68
N ALA B 342 8.96 17.05 -0.56
CA ALA B 342 9.51 16.59 0.71
C ALA B 342 8.83 15.29 1.15
N LEU B 343 7.53 15.21 0.97
CA LEU B 343 6.75 14.02 1.31
C LEU B 343 7.24 12.82 0.48
N TYR B 344 7.44 13.02 -0.82
CA TYR B 344 7.98 11.95 -1.65
C TYR B 344 9.40 11.56 -1.19
N ASP B 345 10.23 12.56 -0.90
CA ASP B 345 11.64 12.28 -0.55
C ASP B 345 11.71 11.50 0.75
N SER B 346 10.79 11.76 1.67
CA SER B 346 10.77 11.11 3.00
C SER B 346 10.13 9.71 2.94
N SER B 347 8.86 9.64 2.59
CA SER B 347 8.04 8.39 2.68
C SER B 347 7.52 7.89 1.33
N LYS B 348 7.91 8.52 0.22
CA LYS B 348 7.55 8.08 -1.12
C LYS B 348 6.04 8.15 -1.34
N GLN B 349 5.37 9.06 -0.65
CA GLN B 349 3.92 9.28 -0.77
C GLN B 349 3.63 10.49 -1.66
N GLY B 350 2.40 10.55 -2.12
CA GLY B 350 1.79 11.79 -2.62
C GLY B 350 1.88 12.06 -4.09
N ALA B 351 1.67 13.34 -4.43
CA ALA B 351 1.48 13.77 -5.84
C ALA B 351 2.68 13.46 -6.74
N TYR B 352 3.89 13.36 -6.19
CA TYR B 352 5.07 13.06 -7.01
C TYR B 352 5.07 11.62 -7.52
N THR B 353 4.16 10.76 -7.06
CA THR B 353 4.05 9.38 -7.62
C THR B 353 3.19 9.35 -8.87
N ILE B 354 2.51 10.43 -9.24
CA ILE B 354 1.71 10.57 -10.47
C ILE B 354 2.58 11.26 -11.53
N VAL B 355 2.62 10.77 -12.76
CA VAL B 355 3.36 11.48 -13.82
C VAL B 355 2.79 12.90 -13.91
N ASN B 356 3.70 13.88 -13.96
CA ASN B 356 3.31 15.29 -13.96
C ASN B 356 2.36 15.58 -15.12
N SER B 357 1.23 16.19 -14.77
CA SER B 357 0.12 16.65 -15.65
C SER B 357 -0.90 15.55 -15.86
N LEU B 358 -0.62 14.30 -15.50
CA LEU B 358 -1.64 13.25 -15.56
C LEU B 358 -2.43 13.23 -14.22
N SER B 359 -3.61 12.69 -14.31
CA SER B 359 -4.37 12.20 -13.16
C SER B 359 -4.25 10.66 -13.13
N THR B 360 -5.10 10.05 -12.35
CA THR B 360 -5.02 8.63 -12.01
C THR B 360 -5.99 7.77 -12.79
N ASN B 361 -7.05 8.35 -13.35
CA ASN B 361 -8.11 7.60 -14.07
C ASN B 361 -8.23 8.12 -15.52
N ILE B 362 -8.94 7.35 -16.32
CA ILE B 362 -9.04 7.61 -17.77
C ILE B 362 -10.26 6.86 -18.29
N GLY B 363 -10.76 7.26 -19.45
CA GLY B 363 -11.87 6.58 -20.08
C GLY B 363 -11.62 6.25 -21.52
N VAL B 364 -12.12 5.08 -21.93
CA VAL B 364 -11.99 4.66 -23.33
C VAL B 364 -13.38 4.27 -23.82
N MET B 365 -13.67 4.54 -25.09
CA MET B 365 -15.03 4.28 -25.60
C MET B 365 -14.99 3.77 -27.03
N SER B 366 -15.91 2.84 -27.31
CA SER B 366 -16.24 2.41 -28.70
C SER B 366 -16.91 3.55 -29.47
N LEU B 367 -17.06 3.34 -30.77
CA LEU B 367 -17.76 4.35 -31.55
C LEU B 367 -19.23 4.48 -31.12
N GLN B 368 -19.89 3.34 -30.86
CA GLN B 368 -21.31 3.40 -30.46
C GLN B 368 -21.46 3.98 -29.06
N ARG B 369 -20.45 3.85 -28.20
CA ARG B 369 -20.48 4.49 -26.86
C ARG B 369 -20.28 5.99 -26.97
N ALA B 370 -19.41 6.41 -27.87
CA ALA B 370 -19.21 7.85 -28.12
C ALA B 370 -20.48 8.48 -28.75
N ALA B 371 -21.07 7.77 -29.74
CA ALA B 371 -22.07 8.34 -30.64
C ALA B 371 -23.24 7.38 -30.81
N PRO B 372 -23.98 7.11 -29.71
CA PRO B 372 -25.04 6.10 -29.78
C PRO B 372 -26.11 6.40 -30.82
N LYS B 373 -26.34 7.67 -31.15
CA LYS B 373 -27.44 8.06 -32.07
CA LYS B 373 -27.44 8.05 -32.06
C LYS B 373 -26.95 8.19 -33.51
N SER B 374 -25.65 8.12 -33.77
CA SER B 374 -25.15 8.41 -35.13
C SER B 374 -24.01 7.48 -35.60
N TYR B 375 -23.54 6.52 -34.79
CA TYR B 375 -22.39 5.71 -35.20
C TYR B 375 -22.67 5.00 -36.50
N ARG B 376 -23.92 4.60 -36.75
CA ARG B 376 -24.19 3.86 -38.01
C ARG B 376 -24.07 4.79 -39.23
N GLN B 377 -24.30 6.08 -39.04
CA GLN B 377 -24.15 7.06 -40.12
C GLN B 377 -22.65 7.22 -40.45
N ILE B 378 -21.79 7.24 -39.41
CA ILE B 378 -20.33 7.36 -39.67
C ILE B 378 -19.84 6.07 -40.37
N ILE B 379 -20.28 4.93 -39.89
CA ILE B 379 -19.90 3.65 -40.54
C ILE B 379 -20.36 3.64 -42.00
N ALA B 380 -21.57 4.12 -42.26
CA ALA B 380 -22.07 4.11 -43.67
C ALA B 380 -21.19 5.01 -44.51
N ALA B 381 -20.82 6.18 -44.03
CA ALA B 381 -19.96 7.12 -44.80
C ALA B 381 -18.63 6.42 -45.08
N ALA B 382 -18.08 5.71 -44.09
CA ALA B 382 -16.77 5.07 -44.26
C ALA B 382 -16.87 3.89 -45.23
N ARG B 383 -17.95 3.12 -45.13
CA ARG B 383 -18.16 1.95 -46.02
CA ARG B 383 -18.22 1.97 -46.03
C ARG B 383 -18.38 2.43 -47.46
N ALA B 384 -19.02 3.59 -47.66
CA ALA B 384 -19.33 4.08 -49.01
C ALA B 384 -18.10 4.51 -49.78
N ARG B 385 -17.09 5.02 -49.07
CA ARG B 385 -15.91 5.62 -49.70
C ARG B 385 -14.88 4.55 -50.02
N SER B 386 -14.42 4.53 -51.27
CA SER B 386 -13.33 3.63 -51.69
C SER B 386 -12.10 3.87 -50.79
N ALA B 387 -11.49 2.78 -50.35
CA ALA B 387 -10.28 2.85 -49.52
C ALA B 387 -9.20 3.69 -50.23
N SER B 388 -9.15 3.60 -51.57
CA SER B 388 -8.08 4.27 -52.34
C SER B 388 -8.13 5.78 -52.17
N LEU B 389 -9.28 6.36 -51.82
CA LEU B 389 -9.36 7.83 -51.68
C LEU B 389 -8.47 8.30 -50.51
N SER B 390 -8.16 7.42 -49.56
CA SER B 390 -7.37 7.80 -48.36
C SER B 390 -5.87 7.90 -48.67
N LEU B 391 -5.47 7.53 -49.87
CA LEU B 391 -4.05 7.52 -50.25
C LEU B 391 -3.90 8.31 -51.54
N PRO B 392 -2.73 8.86 -51.85
CA PRO B 392 -2.55 9.66 -53.07
C PRO B 392 -2.75 8.78 -54.29
N PRO B 393 -3.18 9.37 -55.44
CA PRO B 393 -3.18 8.65 -56.70
C PRO B 393 -1.73 8.23 -56.94
N GLY B 394 -1.57 7.07 -57.54
CA GLY B 394 -0.25 6.53 -57.86
C GLY B 394 0.28 5.69 -56.73
N THR B 395 -0.38 5.66 -55.56
CA THR B 395 0.06 4.72 -54.48
C THR B 395 0.11 3.32 -55.06
N ASP B 396 1.13 2.58 -54.66
CA ASP B 396 1.32 1.20 -55.17
C ASP B 396 0.07 0.36 -54.95
N PRO B 397 -0.39 -0.41 -55.95
CA PRO B 397 -1.64 -1.17 -55.79
C PRO B 397 -1.62 -2.17 -54.64
N ALA B 398 -0.45 -2.74 -54.31
CA ALA B 398 -0.34 -3.71 -53.21
C ALA B 398 -0.57 -2.93 -51.90
N VAL B 399 -0.01 -1.74 -51.78
CA VAL B 399 -0.19 -0.90 -50.55
C VAL B 399 -1.67 -0.57 -50.43
N ILE B 400 -2.33 -0.20 -51.51
CA ILE B 400 -3.80 0.05 -51.46
C ILE B 400 -4.54 -1.21 -50.98
N ARG B 401 -4.23 -2.40 -51.49
CA ARG B 401 -4.91 -3.63 -51.05
C ARG B 401 -4.76 -3.85 -49.54
N GLY B 402 -3.54 -3.64 -49.02
CA GLY B 402 -3.32 -3.81 -47.57
C GLY B 402 -4.07 -2.74 -46.78
N TYR B 403 -4.14 -1.51 -47.26
CA TYR B 403 -4.92 -0.45 -46.58
C TYR B 403 -6.41 -0.83 -46.59
N GLN B 404 -6.93 -1.29 -47.73
CA GLN B 404 -8.34 -1.73 -47.79
CA GLN B 404 -8.34 -1.75 -47.82
C GLN B 404 -8.62 -2.83 -46.77
N ALA B 405 -7.71 -3.79 -46.61
CA ALA B 405 -7.92 -4.90 -45.64
C ALA B 405 -7.93 -4.29 -44.22
N GLN B 406 -6.99 -3.41 -43.91
CA GLN B 406 -6.96 -2.76 -42.58
C GLN B 406 -8.28 -2.05 -42.36
N ARG B 407 -8.66 -1.24 -43.37
CA ARG B 407 -9.86 -0.38 -43.27
C ARG B 407 -11.08 -1.24 -42.99
N ASN B 408 -11.24 -2.36 -43.69
CA ASN B 408 -12.37 -3.26 -43.46
C ASN B 408 -12.34 -3.81 -42.02
N ALA B 409 -11.14 -4.13 -41.51
CA ALA B 409 -11.04 -4.64 -40.12
C ALA B 409 -11.44 -3.52 -39.14
N ILE B 410 -11.01 -2.28 -39.41
CA ILE B 410 -11.33 -1.13 -38.53
C ILE B 410 -12.83 -0.82 -38.57
N LEU B 411 -13.46 -0.94 -39.74
CA LEU B 411 -14.92 -0.71 -39.80
C LEU B 411 -15.70 -1.78 -39.03
N LYS B 412 -15.23 -3.01 -39.01
CA LYS B 412 -15.78 -4.03 -38.09
CA LYS B 412 -15.79 -4.02 -38.09
C LYS B 412 -15.57 -3.59 -36.63
N GLN B 413 -14.40 -3.02 -36.34
CA GLN B 413 -14.20 -2.52 -34.96
C GLN B 413 -15.14 -1.36 -34.64
N PHE B 414 -15.41 -0.48 -35.60
CA PHE B 414 -16.39 0.62 -35.39
C PHE B 414 -17.77 0.07 -35.00
N GLU B 415 -18.14 -1.09 -35.51
CA GLU B 415 -19.43 -1.71 -35.19
CA GLU B 415 -19.43 -1.78 -35.24
C GLU B 415 -19.40 -2.48 -33.88
N ASN B 416 -18.22 -2.75 -33.33
CA ASN B 416 -18.02 -3.64 -32.16
C ASN B 416 -18.18 -2.79 -30.91
N PRO B 417 -19.11 -3.16 -29.98
CA PRO B 417 -19.26 -2.38 -28.76
C PRO B 417 -18.07 -2.57 -27.81
N ASN B 418 -17.17 -3.53 -28.09
CA ASN B 418 -16.09 -3.85 -27.12
C ASN B 418 -14.72 -3.49 -27.70
N VAL B 419 -14.66 -2.58 -28.66
CA VAL B 419 -13.35 -2.06 -29.15
C VAL B 419 -13.34 -0.54 -29.01
N GLY B 420 -12.28 0.04 -28.42
CA GLY B 420 -12.15 1.48 -28.28
C GLY B 420 -11.70 2.18 -29.53
N VAL B 421 -12.20 3.41 -29.72
CA VAL B 421 -11.73 4.30 -30.79
C VAL B 421 -11.21 5.63 -30.25
N GLY B 422 -11.46 5.95 -29.00
CA GLY B 422 -11.02 7.21 -28.42
C GLY B 422 -10.88 7.10 -26.92
N THR B 423 -10.07 8.02 -26.39
CA THR B 423 -9.75 8.13 -24.96
C THR B 423 -10.04 9.54 -24.48
N VAL B 424 -10.54 9.65 -23.26
CA VAL B 424 -10.72 10.92 -22.56
C VAL B 424 -9.96 10.88 -21.26
N HIS B 425 -9.36 12.01 -20.93
CA HIS B 425 -8.56 12.18 -19.68
C HIS B 425 -8.73 13.61 -19.17
N TRP B 426 -8.70 13.78 -17.88
CA TRP B 426 -8.59 15.10 -17.27
C TRP B 426 -7.54 15.04 -16.17
N GLY B 427 -6.50 15.84 -16.31
CA GLY B 427 -5.40 15.83 -15.33
C GLY B 427 -5.74 16.48 -14.00
N THR B 428 -6.92 17.09 -13.87
CA THR B 428 -7.52 17.78 -12.68
C THR B 428 -7.21 19.28 -12.72
N GLY B 429 -6.50 19.75 -13.73
CA GLY B 429 -6.14 21.17 -13.87
C GLY B 429 -6.85 21.83 -15.05
N SER B 430 -6.11 22.69 -15.74
CA SER B 430 -6.68 23.62 -16.74
C SER B 430 -6.91 22.97 -18.11
N SER B 431 -6.63 21.71 -18.32
CA SER B 431 -6.88 21.13 -19.64
C SER B 431 -7.31 19.68 -19.56
N ALA B 432 -8.13 19.31 -20.53
CA ALA B 432 -8.54 17.93 -20.74
C ALA B 432 -7.90 17.46 -22.04
N LEU B 433 -7.74 16.16 -22.16
CA LEU B 433 -7.14 15.48 -23.32
CA LEU B 433 -7.15 15.53 -23.35
C LEU B 433 -8.16 14.54 -23.96
N VAL B 434 -8.26 14.59 -25.28
CA VAL B 434 -9.05 13.65 -26.08
C VAL B 434 -8.14 13.05 -27.12
N TYR B 435 -8.01 11.73 -27.11
CA TYR B 435 -7.13 11.00 -28.04
CA TYR B 435 -7.12 11.01 -28.05
C TYR B 435 -7.97 10.23 -29.06
N HIS B 436 -7.53 10.28 -30.30
CA HIS B 436 -8.14 9.51 -31.38
C HIS B 436 -7.33 8.25 -31.62
N LEU B 437 -7.83 7.08 -31.23
CA LEU B 437 -6.99 5.87 -31.16
C LEU B 437 -6.89 5.18 -32.51
N LYS B 438 -7.91 5.34 -33.36
CA LYS B 438 -8.06 4.45 -34.54
C LYS B 438 -8.28 5.29 -35.78
N PRO B 439 -7.33 6.14 -36.16
CA PRO B 439 -7.49 6.91 -37.38
C PRO B 439 -7.47 6.00 -38.63
N LEU B 440 -8.26 6.40 -39.61
CA LEU B 440 -8.25 5.78 -40.96
C LEU B 440 -7.23 6.48 -41.85
N SER B 441 -6.75 7.65 -41.47
CA SER B 441 -5.72 8.34 -42.26
C SER B 441 -4.40 7.58 -42.19
N ARG B 442 -3.59 7.67 -43.25
CA ARG B 442 -2.26 7.02 -43.28
C ARG B 442 -1.24 8.01 -43.80
N GLY B 443 -0.04 7.98 -43.22
CA GLY B 443 1.05 8.88 -43.65
C GLY B 443 2.24 8.13 -44.20
N THR B 444 3.35 8.86 -44.28
CA THR B 444 4.59 8.36 -44.92
C THR B 444 5.79 8.82 -44.12
N VAL B 445 6.83 7.98 -44.21
CA VAL B 445 8.17 8.40 -43.73
C VAL B 445 9.21 7.89 -44.74
N ASN B 446 9.86 8.80 -45.44
CA ASN B 446 10.75 8.50 -46.57
C ASN B 446 12.07 9.26 -46.39
N ILE B 447 13.16 8.56 -46.64
CA ILE B 447 14.46 9.26 -46.76
C ILE B 447 14.45 10.31 -47.89
N ARG B 448 15.19 11.40 -47.69
CA ARG B 448 15.34 12.57 -48.60
C ARG B 448 16.71 12.51 -49.32
N SER B 449 17.61 11.61 -48.89
CA SER B 449 19.01 11.58 -49.36
C SER B 449 19.66 10.27 -48.91
N THR B 450 20.86 10.00 -49.41
CA THR B 450 21.66 8.83 -48.98
C THR B 450 22.48 9.19 -47.73
N ASN B 451 22.38 10.41 -47.21
CA ASN B 451 23.17 10.84 -46.03
C ASN B 451 22.46 10.28 -44.79
N PRO B 452 23.03 9.29 -44.05
CA PRO B 452 22.35 8.74 -42.88
C PRO B 452 22.12 9.72 -41.73
N LEU B 453 22.72 10.92 -41.76
CA LEU B 453 22.50 11.99 -40.76
C LEU B 453 21.28 12.84 -41.12
N ASP B 454 20.73 12.74 -42.34
CA ASP B 454 19.61 13.62 -42.73
C ASP B 454 18.30 13.03 -42.19
N ALA B 455 17.47 13.87 -41.61
CA ALA B 455 16.12 13.46 -41.16
C ALA B 455 15.34 12.97 -42.38
N PRO B 456 14.46 11.97 -42.22
CA PRO B 456 13.54 11.61 -43.28
C PRO B 456 12.42 12.67 -43.33
N GLU B 457 11.72 12.66 -44.46
CA GLU B 457 10.49 13.44 -44.64
C GLU B 457 9.36 12.71 -43.89
N ILE B 458 8.70 13.41 -42.98
CA ILE B 458 7.67 12.79 -42.12
C ILE B 458 6.35 13.51 -42.37
N ASP B 459 5.40 12.80 -42.97
CA ASP B 459 4.09 13.36 -43.35
C ASP B 459 3.03 12.52 -42.63
N TYR B 460 2.49 13.02 -41.52
CA TYR B 460 1.48 12.20 -40.80
C TYR B 460 0.19 12.01 -41.62
N ARG B 461 -0.19 13.03 -42.42
CA ARG B 461 -1.45 13.03 -43.19
C ARG B 461 -2.65 12.91 -42.24
N THR B 462 -2.51 13.44 -41.05
CA THR B 462 -3.63 13.49 -40.09
C THR B 462 -4.83 14.19 -40.74
N GLY B 463 -6.02 13.60 -40.55
CA GLY B 463 -7.25 14.26 -40.97
C GLY B 463 -7.41 14.33 -42.47
N THR B 464 -6.61 13.60 -43.24
CA THR B 464 -6.77 13.58 -44.72
C THR B 464 -8.00 12.72 -45.04
N ASP B 465 -8.24 11.65 -44.31
CA ASP B 465 -9.44 10.82 -44.45
C ASP B 465 -10.57 11.54 -43.69
N PRO B 466 -11.61 12.03 -44.37
CA PRO B 466 -12.63 12.85 -43.72
C PRO B 466 -13.46 12.12 -42.68
N ILE B 467 -13.42 10.80 -42.66
CA ILE B 467 -14.13 10.04 -41.60
C ILE B 467 -13.51 10.36 -40.24
N ASP B 468 -12.20 10.60 -40.21
CA ASP B 468 -11.52 10.83 -38.92
C ASP B 468 -12.14 12.01 -38.19
N ALA B 469 -12.49 13.06 -38.91
CA ALA B 469 -13.06 14.25 -38.26
C ALA B 469 -14.41 13.91 -37.62
N GLN B 470 -15.16 13.04 -38.29
CA GLN B 470 -16.49 12.66 -37.76
C GLN B 470 -16.33 11.87 -36.46
N VAL B 471 -15.40 10.93 -36.44
CA VAL B 471 -15.11 10.18 -35.21
C VAL B 471 -14.62 11.18 -34.13
N TYR B 472 -13.66 12.01 -34.47
CA TYR B 472 -13.03 12.89 -33.46
C TYR B 472 -14.07 13.84 -32.89
N THR B 473 -14.94 14.41 -33.72
CA THR B 473 -16.01 15.33 -33.26
C THR B 473 -16.89 14.62 -32.25
N SER B 474 -17.23 13.36 -32.49
CA SER B 474 -18.05 12.60 -31.54
CA SER B 474 -18.06 12.61 -31.53
C SER B 474 -17.31 12.44 -30.20
N LEU B 475 -16.00 12.21 -30.25
CA LEU B 475 -15.20 12.06 -29.02
C LEU B 475 -15.19 13.40 -28.26
N PHE B 476 -15.02 14.53 -28.96
CA PHE B 476 -15.10 15.86 -28.34
C PHE B 476 -16.44 16.02 -27.64
N ARG B 477 -17.53 15.65 -28.31
CA ARG B 477 -18.86 15.84 -27.68
C ARG B 477 -19.02 14.96 -26.45
N LYS B 478 -18.46 13.76 -26.43
CA LYS B 478 -18.59 12.94 -25.22
C LYS B 478 -17.78 13.60 -24.09
N ASN B 479 -16.61 14.11 -24.37
CA ASN B 479 -15.84 14.87 -23.38
C ASN B 479 -16.69 16.00 -22.79
N ARG B 480 -17.38 16.76 -23.66
CA ARG B 480 -18.20 17.90 -23.20
C ARG B 480 -19.29 17.35 -22.28
N GLU B 481 -19.89 16.20 -22.57
CA GLU B 481 -20.91 15.60 -21.72
C GLU B 481 -20.32 15.40 -20.31
N ILE B 482 -19.09 14.90 -20.22
CA ILE B 482 -18.50 14.64 -18.87
C ILE B 482 -18.44 15.96 -18.09
N PHE B 483 -17.92 17.01 -18.71
CA PHE B 483 -17.74 18.31 -18.03
C PHE B 483 -19.08 18.95 -17.70
N ASN B 484 -20.14 18.61 -18.41
CA ASN B 484 -21.48 19.16 -18.16
CA ASN B 484 -21.53 19.08 -18.26
C ASN B 484 -22.27 18.30 -17.19
N ALA B 485 -21.74 17.14 -16.76
CA ALA B 485 -22.49 16.24 -15.88
C ALA B 485 -22.51 16.81 -14.46
N PRO B 486 -23.50 16.42 -13.66
CA PRO B 486 -23.66 17.00 -12.32
C PRO B 486 -22.41 16.95 -11.46
N SER B 487 -21.69 15.85 -11.47
CA SER B 487 -20.51 15.71 -10.57
C SER B 487 -19.35 16.65 -10.96
N MET B 488 -19.26 17.11 -12.21
CA MET B 488 -18.24 18.07 -12.66
C MET B 488 -18.80 19.50 -12.57
N ARG B 489 -20.09 19.68 -12.77
CA ARG B 489 -20.72 21.02 -12.70
CA ARG B 489 -20.70 21.03 -12.71
C ARG B 489 -20.44 21.68 -11.33
N VAL B 490 -20.32 20.91 -10.25
CA VAL B 490 -20.02 21.49 -8.91
C VAL B 490 -18.66 22.26 -8.90
N LEU B 491 -17.71 21.92 -9.74
CA LEU B 491 -16.41 22.61 -9.82
C LEU B 491 -16.49 23.86 -10.69
N GLY B 492 -17.63 24.06 -11.36
CA GLY B 492 -17.86 25.21 -12.24
C GLY B 492 -16.94 25.32 -13.44
N PRO B 493 -16.80 24.26 -14.25
CA PRO B 493 -15.97 24.33 -15.45
C PRO B 493 -16.66 25.10 -16.58
N SER B 494 -15.83 25.71 -17.39
CA SER B 494 -16.29 26.15 -18.74
CA SER B 494 -16.21 26.37 -18.68
C SER B 494 -15.12 26.08 -19.70
N GLU B 495 -15.43 25.62 -20.92
CA GLU B 495 -14.40 25.60 -21.98
C GLU B 495 -13.85 27.03 -22.17
N ALA B 496 -12.56 27.15 -22.32
CA ALA B 496 -11.88 28.42 -22.61
C ALA B 496 -11.58 28.53 -24.09
N ALA B 497 -11.38 29.75 -24.52
CA ALA B 497 -11.02 30.05 -25.91
C ALA B 497 -9.83 29.22 -26.35
N PRO B 498 -9.77 28.70 -27.59
CA PRO B 498 -10.77 28.96 -28.64
C PRO B 498 -11.99 28.04 -28.71
N PHE B 499 -12.18 27.19 -27.69
CA PHE B 499 -13.41 26.41 -27.55
C PHE B 499 -14.43 27.27 -26.80
N GLY B 500 -15.53 26.69 -26.37
CA GLY B 500 -16.61 27.39 -25.71
C GLY B 500 -17.95 26.75 -25.94
N ALA B 501 -18.85 26.93 -24.98
CA ALA B 501 -20.22 26.37 -25.04
C ALA B 501 -20.99 26.90 -26.25
N ASN B 502 -20.64 28.07 -26.76
CA ASN B 502 -21.40 28.65 -27.91
C ASN B 502 -21.00 27.98 -29.22
N LEU B 503 -19.92 27.18 -29.24
CA LEU B 503 -19.61 26.32 -30.40
C LEU B 503 -20.49 25.08 -30.31
N THR B 504 -21.59 25.03 -31.04
CA THR B 504 -22.60 23.95 -30.88
C THR B 504 -22.65 23.05 -32.10
N THR B 505 -22.25 23.51 -33.28
CA THR B 505 -22.40 22.64 -34.46
C THR B 505 -21.10 21.87 -34.70
N ASP B 506 -21.22 20.76 -35.44
CA ASP B 506 -20.00 19.98 -35.78
C ASP B 506 -19.02 20.89 -36.50
N GLU B 507 -19.53 21.75 -37.40
CA GLU B 507 -18.66 22.59 -38.24
CA GLU B 507 -18.69 22.64 -38.25
C GLU B 507 -17.87 23.56 -37.33
N GLU B 508 -18.57 24.17 -36.38
CA GLU B 508 -17.94 25.15 -35.45
C GLU B 508 -16.86 24.46 -34.62
N ILE B 509 -17.18 23.29 -34.12
CA ILE B 509 -16.27 22.54 -33.22
C ILE B 509 -15.06 22.10 -34.03
N TYR B 510 -15.28 21.43 -35.18
CA TYR B 510 -14.14 20.85 -35.90
C TYR B 510 -13.21 21.92 -36.49
N ALA B 511 -13.75 23.08 -36.83
CA ALA B 511 -12.90 24.18 -37.34
C ALA B 511 -11.83 24.51 -36.27
N VAL B 512 -12.22 24.51 -34.99
CA VAL B 512 -11.26 24.77 -33.91
C VAL B 512 -10.33 23.56 -33.73
N MET B 513 -10.89 22.35 -33.79
CA MET B 513 -10.06 21.14 -33.64
C MET B 513 -9.02 21.08 -34.75
N ARG B 514 -9.37 21.48 -35.97
CA ARG B 514 -8.45 21.38 -37.12
C ARG B 514 -7.17 22.22 -36.83
N GLU B 515 -7.32 23.35 -36.14
CA GLU B 515 -6.20 24.25 -35.79
C GLU B 515 -5.42 23.76 -34.59
N LEU B 516 -6.01 22.89 -33.76
CA LEU B 516 -5.35 22.49 -32.48
C LEU B 516 -4.89 21.04 -32.41
N ILE B 517 -5.49 20.12 -33.16
CA ILE B 517 -5.07 18.70 -33.05
C ILE B 517 -3.57 18.58 -33.24
N ASN B 518 -2.92 17.77 -32.41
CA ASN B 518 -1.54 17.35 -32.66
C ASN B 518 -1.65 16.02 -33.38
N PRO B 519 -1.00 15.85 -34.56
CA PRO B 519 -0.96 14.55 -35.25
C PRO B 519 -0.52 13.36 -34.41
N SER B 520 0.21 13.59 -33.32
CA SER B 520 1.05 12.53 -32.73
C SER B 520 1.01 12.62 -31.21
N ASN B 521 0.96 11.47 -30.57
CA ASN B 521 1.29 11.27 -29.15
CA ASN B 521 1.35 11.35 -29.14
C ASN B 521 2.65 10.58 -29.02
N ALA B 522 3.49 10.63 -30.05
CA ALA B 522 4.76 9.84 -30.13
C ALA B 522 4.48 8.35 -30.14
N HIS B 523 3.36 7.95 -30.80
CA HIS B 523 2.97 6.55 -30.92
C HIS B 523 3.17 6.06 -32.36
N GLN B 524 4.22 6.50 -33.03
CA GLN B 524 4.38 6.26 -34.47
C GLN B 524 4.55 4.76 -34.66
N CYS B 525 3.86 4.21 -35.65
CA CYS B 525 3.88 2.77 -35.90
C CYS B 525 3.73 2.47 -37.39
N CYS B 526 3.90 1.21 -37.71
CA CYS B 526 3.18 0.54 -38.81
C CYS B 526 3.84 0.80 -40.18
N THR B 527 5.05 1.33 -40.21
CA THR B 527 5.82 1.73 -41.41
C THR B 527 6.64 0.58 -42.03
N ALA B 528 6.62 -0.60 -41.45
CA ALA B 528 7.26 -1.82 -42.00
C ALA B 528 6.30 -2.97 -41.72
N ALA B 529 5.08 -2.83 -42.23
CA ALA B 529 3.93 -3.55 -41.70
C ALA B 529 4.01 -5.07 -41.93
N MET B 530 3.53 -5.79 -40.95
CA MET B 530 3.33 -7.22 -40.97
C MET B 530 2.03 -7.56 -41.70
N MET B 531 2.14 -7.67 -43.02
CA MET B 531 1.03 -8.13 -43.89
C MET B 531 1.68 -8.93 -45.00
N PRO B 532 0.90 -9.78 -45.71
CA PRO B 532 1.40 -10.39 -46.94
C PRO B 532 2.04 -9.35 -47.86
N LYS B 533 3.09 -9.79 -48.58
CA LYS B 533 3.78 -8.91 -49.55
C LYS B 533 2.77 -8.36 -50.57
N ASP B 534 1.86 -9.20 -51.07
CA ASP B 534 0.87 -8.77 -52.09
C ASP B 534 -0.18 -7.80 -51.53
N MET B 535 -0.11 -7.53 -50.23
CA MET B 535 -0.95 -6.54 -49.53
CA MET B 535 -0.95 -6.51 -49.56
C MET B 535 -0.05 -5.36 -49.10
N GLY B 536 1.15 -5.22 -49.67
CA GLY B 536 2.00 -4.07 -49.32
C GLY B 536 2.76 -4.26 -48.02
N GLY B 537 2.79 -5.47 -47.51
CA GLY B 537 3.54 -5.79 -46.28
C GLY B 537 5.04 -5.78 -46.53
N VAL B 538 5.76 -5.58 -45.43
CA VAL B 538 7.25 -5.55 -45.44
C VAL B 538 7.76 -6.79 -44.75
N VAL B 539 7.06 -7.30 -43.74
CA VAL B 539 7.50 -8.49 -42.98
C VAL B 539 6.43 -9.57 -42.96
N SER B 540 6.90 -10.79 -42.88
CA SER B 540 6.08 -12.02 -42.69
C SER B 540 5.50 -12.06 -41.28
N SER B 541 4.71 -13.09 -40.97
CA SER B 541 4.14 -13.35 -39.63
C SER B 541 5.26 -13.66 -38.62
N GLU B 542 6.43 -14.08 -39.08
CA GLU B 542 7.63 -14.37 -38.27
C GLU B 542 8.49 -13.10 -38.22
N GLN B 543 8.01 -11.97 -38.70
CA GLN B 543 8.67 -10.64 -38.71
C GLN B 543 9.96 -10.65 -39.55
N LYS B 544 10.03 -11.56 -40.53
CA LYS B 544 11.14 -11.55 -41.52
C LYS B 544 10.88 -10.60 -42.68
N VAL B 545 11.82 -9.77 -43.05
CA VAL B 545 11.70 -8.82 -44.18
C VAL B 545 11.68 -9.61 -45.49
N TYR B 546 10.71 -9.33 -46.35
CA TYR B 546 10.53 -10.10 -47.60
C TYR B 546 11.76 -9.90 -48.49
N GLY B 547 12.16 -10.98 -49.16
CA GLY B 547 13.19 -10.91 -50.22
C GLY B 547 14.62 -11.00 -49.69
N VAL B 548 14.79 -11.04 -48.35
CA VAL B 548 16.12 -11.19 -47.73
C VAL B 548 16.02 -12.20 -46.59
N GLN B 549 17.17 -12.79 -46.28
CA GLN B 549 17.30 -13.78 -45.21
C GLN B 549 18.12 -13.14 -44.06
N GLY B 550 17.81 -13.58 -42.85
CA GLY B 550 18.56 -13.17 -41.65
C GLY B 550 18.19 -11.78 -41.16
N LEU B 551 17.02 -11.23 -41.53
CA LEU B 551 16.66 -9.83 -41.21
C LEU B 551 15.23 -9.78 -40.69
N ARG B 552 15.03 -9.21 -39.50
CA ARG B 552 13.67 -9.06 -38.93
C ARG B 552 13.46 -7.66 -38.43
N VAL B 553 12.17 -7.32 -38.26
CA VAL B 553 11.76 -6.05 -37.62
C VAL B 553 11.07 -6.42 -36.31
N ALA B 554 11.60 -5.88 -35.22
CA ALA B 554 11.07 -6.15 -33.85
C ALA B 554 10.25 -4.96 -33.29
N ASP B 555 10.55 -3.75 -33.73
CA ASP B 555 9.90 -2.55 -33.15
C ASP B 555 8.52 -2.37 -33.80
N ILE B 556 7.74 -1.42 -33.31
CA ILE B 556 6.30 -1.34 -33.67
C ILE B 556 6.09 -0.78 -35.07
N SER B 557 7.13 -0.56 -35.85
CA SER B 557 7.05 -0.46 -37.33
CA SER B 557 6.98 -0.41 -37.32
C SER B 557 6.28 -1.66 -37.89
N PHE B 558 6.38 -2.84 -37.27
CA PHE B 558 5.78 -4.07 -37.86
C PHE B 558 4.26 -4.09 -37.69
N TRP B 559 3.69 -3.30 -36.79
CA TRP B 559 2.25 -3.44 -36.55
C TRP B 559 1.44 -3.07 -37.78
N PRO B 560 0.35 -3.80 -38.10
CA PRO B 560 -0.51 -3.37 -39.21
C PRO B 560 -1.25 -2.07 -38.94
N PHE B 561 -1.79 -1.94 -37.73
CA PHE B 561 -2.52 -0.70 -37.37
C PHE B 561 -2.55 -0.52 -35.85
N GLN B 562 -2.96 0.69 -35.47
CA GLN B 562 -2.99 1.12 -34.05
C GLN B 562 -3.98 0.36 -33.19
N LEU B 563 -3.67 0.23 -31.92
CA LEU B 563 -4.44 -0.50 -30.93
C LEU B 563 -5.54 0.39 -30.34
N SER B 564 -6.49 -0.28 -29.70
CA SER B 564 -7.36 0.39 -28.71
C SER B 564 -6.54 0.54 -27.43
N GLY B 565 -5.67 1.54 -27.38
CA GLY B 565 -4.70 1.72 -26.29
C GLY B 565 -3.41 2.26 -26.81
N SER B 566 -2.51 2.54 -25.87
CA SER B 566 -1.19 3.10 -26.22
CA SER B 566 -1.18 3.09 -26.13
C SER B 566 -0.21 1.94 -26.36
N PRO B 567 0.89 2.17 -27.09
CA PRO B 567 1.69 1.03 -27.56
C PRO B 567 2.60 0.26 -26.59
N MET B 568 3.01 0.88 -25.47
CA MET B 568 4.14 0.33 -24.71
C MET B 568 3.93 -1.12 -24.28
N ALA B 569 2.80 -1.47 -23.67
CA ALA B 569 2.66 -2.83 -23.12
C ALA B 569 2.86 -3.83 -24.25
N THR B 570 2.29 -3.56 -25.43
CA THR B 570 2.39 -4.48 -26.57
C THR B 570 3.81 -4.45 -27.15
N ALA B 571 4.49 -3.31 -27.09
CA ALA B 571 5.89 -3.26 -27.56
C ALA B 571 6.70 -4.28 -26.74
N TYR B 572 6.56 -4.30 -25.42
CA TYR B 572 7.29 -5.29 -24.59
C TYR B 572 6.83 -6.71 -24.95
N ALA B 573 5.51 -6.98 -25.00
CA ALA B 573 5.02 -8.36 -25.15
C ALA B 573 5.38 -8.88 -26.57
N GLY B 574 5.30 -8.03 -27.59
CA GLY B 574 5.63 -8.48 -28.94
C GLY B 574 7.09 -8.83 -29.06
N ALA B 575 7.97 -8.16 -28.31
CA ALA B 575 9.41 -8.50 -28.30
C ALA B 575 9.62 -9.79 -27.51
N GLU B 576 8.88 -10.02 -26.41
CA GLU B 576 8.93 -11.31 -25.68
C GLU B 576 8.56 -12.44 -26.66
N ARG B 577 7.52 -12.23 -27.45
CA ARG B 577 7.03 -13.26 -28.40
CA ARG B 577 7.06 -13.30 -28.35
C ARG B 577 8.13 -13.53 -29.42
N LEU B 578 8.67 -12.46 -30.00
CA LEU B 578 9.68 -12.56 -31.08
C LEU B 578 10.92 -13.28 -30.54
N ALA B 579 11.32 -13.02 -29.30
CA ALA B 579 12.49 -13.70 -28.75
C ALA B 579 12.27 -15.21 -28.80
N ASP B 580 11.07 -15.70 -28.47
CA ASP B 580 10.79 -17.14 -28.48
C ASP B 580 10.77 -17.69 -29.91
N VAL B 581 10.33 -16.89 -30.87
CA VAL B 581 10.28 -17.29 -32.30
C VAL B 581 11.74 -17.50 -32.77
N ILE B 582 12.61 -16.57 -32.44
CA ILE B 582 14.03 -16.59 -32.88
C ILE B 582 14.75 -17.74 -32.18
N LYS B 583 14.51 -17.93 -30.90
CA LYS B 583 15.15 -19.03 -30.15
C LYS B 583 14.80 -20.37 -30.81
N LYS B 584 13.54 -20.52 -31.20
CA LYS B 584 13.04 -21.80 -31.72
C LYS B 584 13.75 -22.09 -33.04
N GLU B 585 13.83 -21.09 -33.92
CA GLU B 585 14.39 -21.27 -35.26
C GLU B 585 15.87 -21.65 -35.12
N HIS B 586 16.60 -21.03 -34.19
CA HIS B 586 18.06 -21.15 -34.19
C HIS B 586 18.49 -22.15 -33.13
N ARG B 587 17.52 -22.80 -32.50
CA ARG B 587 17.72 -23.89 -31.51
C ARG B 587 18.51 -23.36 -30.29
N LEU B 588 18.14 -22.19 -29.79
CA LEU B 588 18.85 -21.55 -28.65
C LEU B 588 18.29 -22.03 -27.31
N ALA B 589 19.05 -21.94 -26.20
CA ALA B 589 18.50 -22.23 -24.85
C ALA B 589 17.45 -21.19 -24.48
C1 NAG C . -9.32 -8.37 7.75
C2 NAG C . -8.93 -8.20 6.27
C3 NAG C . -10.03 -8.85 5.41
C4 NAG C . -10.11 -10.36 5.77
C5 NAG C . -10.17 -10.61 7.26
C6 NAG C . -9.89 -12.09 7.65
C7 NAG C . -7.72 -6.52 5.07
C8 NAG C . -7.44 -5.11 4.80
N2 NAG C . -8.72 -6.77 5.91
O3 NAG C . -9.70 -8.77 4.04
O4 NAG C . -11.29 -11.08 5.21
O5 NAG C . -9.18 -9.82 7.97
O6 NAG C . -8.73 -12.61 6.94
O7 NAG C . -7.02 -7.36 4.54
C1 NAG C . -11.15 -11.66 3.94
C2 NAG C . -12.04 -12.88 3.84
C3 NAG C . -12.07 -13.37 2.39
C4 NAG C . -12.37 -12.25 1.38
C5 NAG C . -11.48 -11.09 1.68
C6 NAG C . -11.78 -9.91 0.75
C7 NAG C . -12.00 -14.35 5.86
C8 NAG C . -11.18 -15.39 6.59
N2 NAG C . -11.45 -13.91 4.72
O3 NAG C . -13.15 -14.23 2.38
O4 NAG C . -12.16 -12.72 0.02
O5 NAG C . -11.58 -10.66 3.09
O6 NAG C . -12.37 -8.90 1.57
O7 NAG C . -13.06 -13.85 6.32
C1 NAG D . 9.51 -6.00 -9.89
C2 NAG D . 9.18 -6.26 -8.44
C3 NAG D . 10.25 -7.16 -7.82
C4 NAG D . 10.26 -8.53 -8.55
C5 NAG D . 10.33 -8.34 -10.03
C6 NAG D . 10.17 -9.62 -10.89
C7 NAG D . 7.95 -4.95 -6.80
C8 NAG D . 7.74 -3.65 -6.12
N2 NAG D . 8.96 -5.01 -7.67
O3 NAG D . 9.93 -7.38 -6.44
O4 NAG D . 11.45 -9.30 -8.29
O5 NAG D . 9.34 -7.37 -10.47
O6 NAG D . 8.96 -10.27 -10.43
O7 NAG D . 7.24 -5.88 -6.56
C1 NAG D . 11.29 -10.34 -7.33
C2 NAG D . 12.38 -11.40 -7.50
C3 NAG D . 12.33 -12.32 -6.30
C4 NAG D . 12.45 -11.54 -5.01
C5 NAG D . 11.35 -10.54 -4.99
C6 NAG D . 11.28 -9.65 -3.74
C7 NAG D . 13.07 -11.52 -9.89
C8 NAG D . 13.12 -12.36 -11.13
N2 NAG D . 12.34 -12.06 -8.84
O3 NAG D . 13.41 -13.27 -6.35
O4 NAG D . 12.37 -12.38 -3.85
O5 NAG D . 11.51 -9.69 -6.13
O6 NAG D . 12.46 -8.83 -3.72
O7 NAG D . 13.70 -10.41 -9.86
PA FDA E . -11.34 -5.25 28.85
O1A FDA E . -11.04 -4.02 29.65
O2A FDA E . -11.05 -5.21 27.38
O5B FDA E . -12.88 -5.61 29.02
C5B FDA E . -13.49 -5.76 30.34
C4B FDA E . -14.92 -5.34 30.12
O4B FDA E . -15.63 -5.69 31.31
C3B FDA E . -15.16 -3.83 29.91
O3B FDA E . -15.72 -3.49 28.64
C2B FDA E . -16.03 -3.41 31.13
O2B FDA E . -17.01 -2.44 30.85
C1B FDA E . -16.65 -4.74 31.52
N9A FDA E . -17.11 -4.92 32.90
C8A FDA E . -16.40 -4.63 34.04
N7A FDA E . -17.06 -4.98 35.13
C5A FDA E . -18.23 -5.57 34.67
C6A FDA E . -19.31 -6.16 35.34
N6A FDA E . -19.39 -6.34 36.66
N1A FDA E . -20.33 -6.63 34.55
C2A FDA E . -20.27 -6.47 33.24
N3A FDA E . -19.28 -5.95 32.51
C4A FDA E . -18.30 -5.49 33.30
N1 FDA E . -3.10 -2.41 25.29
C2 FDA E . -2.33 -2.61 24.19
O2 FDA E . -1.84 -3.69 23.96
N3 FDA E . -2.19 -1.56 23.32
C4 FDA E . -2.58 -0.25 23.57
O4 FDA E . -2.38 0.62 22.72
C4X FDA E . -3.21 -0.05 24.78
N5 FDA E . -3.60 1.22 25.19
C5X FDA E . -4.60 1.39 26.12
C6 FDA E . -5.24 2.61 26.25
C7 FDA E . -6.37 2.71 27.04
C7M FDA E . -7.05 4.05 27.15
C8 FDA E . -6.94 1.54 27.62
C8M FDA E . -8.22 1.60 28.40
C9 FDA E . -6.29 0.33 27.48
C9A FDA E . -5.10 0.24 26.76
N10 FDA E . -4.41 -1.00 26.60
C10 FDA E . -3.56 -1.16 25.57
C1' FDA E . -4.75 -2.13 27.46
C2' FDA E . -5.67 -3.16 26.82
O2' FDA E . -6.64 -2.54 25.99
C3' FDA E . -6.36 -3.95 27.93
O3' FDA E . -5.30 -4.55 28.75
C4' FDA E . -7.26 -5.08 27.41
O4' FDA E . -8.39 -4.47 26.80
C5' FDA E . -7.71 -5.98 28.52
O5' FDA E . -8.64 -6.92 27.99
P FDA E . -9.69 -7.64 28.99
O1P FDA E . -10.53 -8.55 28.15
O2P FDA E . -8.92 -8.19 30.15
O3P FDA E . -10.52 -6.39 29.58
C1 NAG F . 2.83 9.61 52.90
C2 NAG F . 4.06 10.32 53.41
C3 NAG F . 4.59 9.63 54.66
C4 NAG F . 3.52 9.45 55.73
C5 NAG F . 2.29 8.77 55.13
C6 NAG F . 1.16 8.75 56.13
C7 NAG F . 5.54 11.37 51.75
C8 NAG F . 6.49 11.15 50.58
N2 NAG F . 5.07 10.28 52.36
O3 NAG F . 5.68 10.40 55.16
O4 NAG F . 4.02 8.60 56.74
O5 NAG F . 1.86 9.47 53.95
O6 NAG F . 0.00 8.30 55.41
O7 NAG F . 5.16 12.49 52.10
C1 NAG G . 16.04 3.61 7.58
C2 NAG G . 16.05 5.02 8.03
C3 NAG G . 17.16 5.77 7.26
C4 NAG G . 18.52 5.05 7.42
C5 NAG G . 18.40 3.59 7.10
C6 NAG G . 19.69 2.86 7.50
C7 NAG G . 13.75 5.68 8.63
C8 NAG G . 12.52 6.42 8.14
N2 NAG G . 14.76 5.65 7.75
O3 NAG G . 17.28 7.14 7.66
O4 NAG G . 19.50 5.71 6.57
O5 NAG G . 17.31 3.07 7.89
O6 NAG G . 19.62 1.54 7.13
O7 NAG G . 13.81 5.12 9.74
C1 NAG H . 1.05 25.13 8.31
C2 NAG H . 2.46 25.61 7.99
C3 NAG H . 2.60 25.95 6.51
C4 NAG H . 2.12 24.77 5.64
C5 NAG H . 0.72 24.35 6.11
C6 NAG H . 0.04 23.19 5.31
C7 NAG H . 3.64 26.78 9.75
C8 NAG H . 3.92 28.10 10.44
N2 NAG H . 2.75 26.81 8.79
O3 NAG H . 3.95 26.26 6.25
O4 NAG H . 2.08 25.14 4.28
O5 NAG H . 0.75 23.98 7.47
O6 NAG H . 0.93 22.10 5.22
O7 NAG H . 4.22 25.74 10.03
C1 NAG I . 17.79 23.52 35.50
C2 NAG I . 17.65 24.99 35.81
C3 NAG I . 16.20 25.35 35.97
C4 NAG I . 15.39 24.93 34.73
C5 NAG I . 15.74 23.51 34.27
C6 NAG I . 15.19 23.13 32.87
C7 NAG I . 19.17 26.41 37.16
C8 NAG I . 19.76 26.65 38.50
N2 NAG I . 18.35 25.33 37.05
O3 NAG I . 16.12 26.78 36.21
O4 NAG I . 13.99 24.88 35.11
O5 NAG I . 17.16 23.35 34.21
O6 NAG I . 15.71 24.14 31.97
O7 NAG I . 19.40 27.19 36.22
C FMT J . 24.62 1.28 33.08
O1 FMT J . 25.11 1.40 31.94
O2 FMT J . 24.49 2.14 34.10
MG MG K . 0.14 -4.67 -0.67
PA FDA L . 11.48 2.95 -29.30
O1A FDA L . 11.16 4.34 -29.78
O2A FDA L . 11.18 2.58 -27.85
O5B FDA L . 13.01 2.66 -29.57
C5B FDA L . 13.63 2.90 -30.84
C4B FDA L . 15.06 3.28 -30.53
O4B FDA L . 15.77 3.24 -31.79
C3B FDA L . 15.29 4.67 -29.93
O3B FDA L . 15.85 4.60 -28.63
C2B FDA L . 16.19 5.39 -30.97
O2B FDA L . 17.16 6.24 -30.41
C1B FDA L . 16.79 4.22 -31.71
N9A FDA L . 17.24 4.48 -33.08
C8A FDA L . 16.55 5.08 -34.10
N7A FDA L . 17.19 5.03 -35.25
C5A FDA L . 18.36 4.35 -34.97
C6A FDA L . 19.47 3.98 -35.78
N6A FDA L . 19.51 4.18 -37.09
N1A FDA L . 20.49 3.33 -35.17
C2A FDA L . 20.39 3.08 -33.85
N3A FDA L . 19.38 3.36 -33.01
C4A FDA L . 18.40 4.02 -33.64
N1 FDA L . 3.24 4.68 -25.04
C2 FDA L . 2.49 4.17 -24.03
O2 FDA L . 2.00 3.06 -24.13
N3 FDA L . 2.33 4.94 -22.92
C4 FDA L . 2.73 6.27 -22.82
O4 FDA L . 2.51 6.87 -21.74
C4X FDA L . 3.36 6.81 -23.91
N5 FDA L . 3.73 8.14 -23.99
C5X FDA L . 4.75 8.55 -24.83
C6 FDA L . 5.38 9.75 -24.60
C7 FDA L . 6.53 10.08 -25.27
C7M FDA L . 7.21 11.40 -25.00
C8 FDA L . 7.09 9.14 -26.17
C8M FDA L . 8.37 9.46 -26.92
C9 FDA L . 6.43 7.95 -26.41
C9A FDA L . 5.27 7.62 -25.74
N10 FDA L . 4.58 6.40 -25.95
C10 FDA L . 3.71 5.96 -24.96
C1' FDA L . 4.91 5.52 -27.09
C2' FDA L . 5.83 4.35 -26.73
O2' FDA L . 6.80 4.74 -25.77
C3' FDA L . 6.50 3.91 -28.04
O3' FDA L . 5.43 3.60 -28.98
C4' FDA L . 7.42 2.72 -27.87
O4' FDA L . 8.56 3.11 -27.09
C5' FDA L . 7.87 2.15 -29.19
O5' FDA L . 8.83 1.10 -28.90
P FDA L . 9.83 0.69 -30.08
O1P FDA L . 10.66 -0.42 -29.52
O2P FDA L . 9.07 0.54 -31.36
O3P FDA L . 10.69 2.02 -30.30
C1 NAG M . -2.71 24.08 -48.05
C2 NAG M . -3.99 24.90 -48.26
C3 NAG M . -4.57 24.63 -49.64
C4 NAG M . -3.50 24.84 -50.70
C5 NAG M . -2.29 23.98 -50.42
C6 NAG M . -1.24 24.29 -51.50
C7 NAG M . -5.52 25.42 -46.39
C8 NAG M . -6.65 24.92 -45.49
N2 NAG M . -4.98 24.55 -47.24
O3 NAG M . -5.69 25.50 -49.89
O4 NAG M . -3.97 24.49 -51.99
O5 NAG M . -1.75 24.26 -49.12
O6 NAG M . -0.01 23.62 -51.16
O7 NAG M . -5.13 26.58 -46.34
C1 NAG N . -15.82 5.47 -6.31
C2 NAG N . -15.85 7.01 -6.31
C3 NAG N . -16.95 7.51 -5.36
C4 NAG N . -18.26 6.87 -5.76
C5 NAG N . -18.14 5.34 -5.85
C6 NAG N . -19.40 4.57 -6.33
C6 NAG N . -19.49 4.76 -6.31
C7 NAG N . -13.54 7.79 -6.71
C8 NAG N . -12.30 8.38 -6.11
N2 NAG N . -14.52 7.54 -5.85
O3 NAG N . -17.07 8.91 -5.36
O4 NAG N . -19.30 7.24 -4.77
O5 NAG N . -17.12 5.04 -6.75
O6 NAG N . -19.82 5.06 -7.62
O6 NAG N . -19.41 3.35 -6.38
O7 NAG N . -13.62 7.57 -7.94
C1 NAG O . -0.61 26.44 -1.47
C2 NAG O . -2.01 26.82 -1.06
C3 NAG O . -2.11 26.78 0.44
C4 NAG O . -1.71 25.45 0.96
C5 NAG O . -0.29 25.19 0.53
C6 NAG O . 0.32 23.90 1.02
C7 NAG O . -3.11 28.34 -2.60
C8 NAG O . -3.51 29.77 -2.85
N2 NAG O . -2.35 28.16 -1.56
O3 NAG O . -3.47 27.04 0.77
O4 NAG O . -1.81 25.45 2.39
O5 NAG O . -0.30 25.18 -0.91
O6 NAG O . -0.50 22.79 0.75
O7 NAG O . -3.46 27.41 -3.33
C FMT P . -24.44 10.38 -31.43
O1 FMT P . -24.96 10.18 -30.34
O2 FMT P . -24.31 11.49 -32.18
#